data_2RUY
#
_entry.id   2RUY
#
loop_
_entity.id
_entity.type
_entity.pdbx_description
1 polymer 'Zinc finger protein ZFAT'
2 non-polymer 'ZINC ION'
#
_entity_poly.entity_id   1
_entity_poly.type   'polypeptide(L)'
_entity_poly.pdbx_seq_one_letter_code
;GSSGSSGHLYYCSQCHYSSITKNCLKRHVIQKHSNIL
;
_entity_poly.pdbx_strand_id   A
#
loop_
_chem_comp.id
_chem_comp.type
_chem_comp.name
_chem_comp.formula
ZN non-polymer 'ZINC ION' 'Zn 2'
#
# COMPACT_ATOMS: atom_id res chain seq x y z
N GLY A 1 15.29 28.31 5.19
CA GLY A 1 14.72 26.95 5.34
C GLY A 1 13.85 26.56 4.15
N SER A 2 13.30 25.34 4.18
CA SER A 2 12.44 24.76 3.13
C SER A 2 11.38 23.81 3.71
N SER A 3 10.36 23.48 2.90
CA SER A 3 9.26 22.57 3.23
C SER A 3 8.80 21.73 2.02
N GLY A 4 8.11 20.62 2.28
CA GLY A 4 7.62 19.69 1.26
C GLY A 4 6.95 18.44 1.83
N SER A 5 6.63 17.48 0.96
CA SER A 5 6.02 16.19 1.31
C SER A 5 7.02 15.19 1.92
N SER A 6 6.49 14.15 2.56
CA SER A 6 7.25 13.04 3.17
C SER A 6 7.83 12.06 2.13
N GLY A 7 8.73 11.17 2.57
CA GLY A 7 9.38 10.16 1.72
C GLY A 7 8.41 9.14 1.10
N HIS A 8 8.84 8.50 0.01
CA HIS A 8 7.99 7.62 -0.81
C HIS A 8 7.49 6.37 -0.06
N LEU A 9 6.19 6.10 -0.20
CA LEU A 9 5.48 4.88 0.23
C LEU A 9 4.50 4.46 -0.88
N TYR A 10 4.18 3.17 -0.95
CA TYR A 10 3.22 2.62 -1.92
C TYR A 10 1.80 2.72 -1.36
N TYR A 11 0.88 3.34 -2.10
CA TYR A 11 -0.48 3.64 -1.64
C TYR A 11 -1.51 2.57 -2.04
N CYS A 12 -2.47 2.32 -1.14
CA CYS A 12 -3.54 1.34 -1.26
C CYS A 12 -4.42 1.54 -2.52
N SER A 13 -4.95 0.41 -3.02
CA SER A 13 -5.84 0.37 -4.18
C SER A 13 -7.27 0.84 -3.88
N GLN A 14 -7.67 0.91 -2.60
CA GLN A 14 -9.06 1.21 -2.19
C GLN A 14 -9.21 2.26 -1.07
N CYS A 15 -8.13 2.69 -0.41
CA CYS A 15 -8.14 3.78 0.58
C CYS A 15 -6.87 4.66 0.55
N HIS A 16 -6.70 5.52 1.56
CA HIS A 16 -5.58 6.45 1.72
C HIS A 16 -4.36 5.88 2.46
N TYR A 17 -4.40 4.61 2.89
CA TYR A 17 -3.27 3.93 3.54
C TYR A 17 -2.06 3.77 2.60
N SER A 18 -0.86 3.69 3.18
CA SER A 18 0.39 3.41 2.45
C SER A 18 1.41 2.60 3.26
N SER A 19 2.26 1.83 2.57
CA SER A 19 3.27 0.94 3.18
C SER A 19 4.59 0.88 2.39
N ILE A 20 5.60 0.24 2.97
CA ILE A 20 6.88 -0.07 2.32
C ILE A 20 6.77 -1.34 1.46
N THR A 21 7.14 -1.24 0.19
CA THR A 21 6.94 -2.25 -0.89
C THR A 21 5.49 -2.66 -1.18
N LYS A 22 5.24 -3.11 -2.41
CA LYS A 22 3.96 -3.76 -2.80
C LYS A 22 3.77 -5.11 -2.10
N ASN A 23 4.86 -5.78 -1.73
CA ASN A 23 4.87 -7.08 -1.05
C ASN A 23 4.30 -7.02 0.38
N CYS A 24 4.40 -5.87 1.06
CA CYS A 24 3.70 -5.63 2.32
C CYS A 24 2.29 -5.05 2.08
N LEU A 25 2.14 -4.10 1.15
CA LEU A 25 0.87 -3.43 0.86
C LEU A 25 -0.25 -4.41 0.44
N LYS A 26 0.07 -5.46 -0.32
CA LYS A 26 -0.93 -6.47 -0.74
C LYS A 26 -1.64 -7.15 0.44
N ARG A 27 -0.96 -7.33 1.59
CA ARG A 27 -1.54 -7.89 2.81
C ARG A 27 -2.62 -6.99 3.42
N HIS A 28 -2.43 -5.66 3.37
CA HIS A 28 -3.48 -4.70 3.74
C HIS A 28 -4.70 -4.83 2.82
N VAL A 29 -4.50 -4.94 1.50
CA VAL A 29 -5.61 -5.08 0.52
C VAL A 29 -6.35 -6.41 0.70
N ILE A 30 -5.64 -7.50 1.01
CA ILE A 30 -6.21 -8.83 1.32
C ILE A 30 -7.03 -8.80 2.61
N GLN A 31 -6.53 -8.17 3.68
CA GLN A 31 -7.13 -8.23 5.02
C GLN A 31 -8.22 -7.17 5.29
N LYS A 32 -8.07 -5.96 4.75
CA LYS A 32 -8.91 -4.78 5.09
C LYS A 32 -9.95 -4.41 4.03
N HIS A 33 -9.87 -4.96 2.82
CA HIS A 33 -10.75 -4.63 1.68
C HIS A 33 -11.28 -5.87 0.94
N SER A 34 -12.30 -5.64 0.10
CA SER A 34 -12.83 -6.65 -0.83
C SER A 34 -11.90 -6.79 -2.04
N ASN A 35 -11.00 -7.78 -2.01
CA ASN A 35 -9.97 -8.01 -3.03
C ASN A 35 -10.51 -8.81 -4.25
N ILE A 36 -11.66 -8.38 -4.77
CA ILE A 36 -12.43 -9.04 -5.85
C ILE A 36 -12.93 -8.04 -6.91
N LEU A 37 -13.42 -8.57 -8.05
CA LEU A 37 -13.98 -7.82 -9.18
C LEU A 37 -15.52 -7.68 -9.07
ZN ZN B . -6.65 0.32 2.04
N GLY A 1 15.69 6.83 -12.19
CA GLY A 1 15.46 5.37 -12.13
C GLY A 1 13.99 5.03 -11.92
N SER A 2 13.63 3.76 -12.14
CA SER A 2 12.24 3.26 -12.02
C SER A 2 11.79 2.95 -10.59
N SER A 3 12.75 2.67 -9.68
CA SER A 3 12.52 2.22 -8.30
C SER A 3 11.65 0.95 -8.19
N GLY A 4 11.59 0.12 -9.24
CA GLY A 4 10.74 -1.08 -9.31
C GLY A 4 11.05 -2.09 -8.20
N SER A 5 10.03 -2.43 -7.41
CA SER A 5 10.11 -3.32 -6.23
C SER A 5 11.12 -2.87 -5.15
N SER A 6 11.53 -1.60 -5.15
CA SER A 6 12.46 -1.01 -4.18
C SER A 6 11.75 -0.57 -2.89
N GLY A 7 12.51 -0.10 -1.89
CA GLY A 7 12.06 0.40 -0.59
C GLY A 7 11.31 1.75 -0.62
N HIS A 8 10.53 2.00 -1.67
CA HIS A 8 9.63 3.15 -1.82
C HIS A 8 8.29 2.90 -1.12
N LEU A 9 7.52 3.95 -0.87
CA LEU A 9 6.13 3.83 -0.40
C LEU A 9 5.19 3.48 -1.57
N TYR A 10 4.22 2.60 -1.29
CA TYR A 10 3.13 2.21 -2.18
C TYR A 10 1.80 2.46 -1.46
N TYR A 11 0.76 2.85 -2.22
CA TYR A 11 -0.52 3.36 -1.69
C TYR A 11 -1.69 2.46 -2.09
N CYS A 12 -2.66 2.31 -1.18
CA CYS A 12 -3.88 1.54 -1.38
C CYS A 12 -4.75 2.08 -2.54
N SER A 13 -5.42 1.17 -3.25
CA SER A 13 -6.34 1.49 -4.34
C SER A 13 -7.78 1.79 -3.87
N GLN A 14 -8.11 1.46 -2.62
CA GLN A 14 -9.46 1.61 -2.04
C GLN A 14 -9.55 2.68 -0.93
N CYS A 15 -8.44 3.02 -0.26
CA CYS A 15 -8.40 3.99 0.85
C CYS A 15 -7.08 4.80 0.89
N HIS A 16 -6.87 5.57 1.96
CA HIS A 16 -5.73 6.48 2.14
C HIS A 16 -4.46 5.79 2.71
N TYR A 17 -4.50 4.48 3.00
CA TYR A 17 -3.38 3.73 3.56
C TYR A 17 -2.16 3.64 2.63
N SER A 18 -0.97 3.52 3.21
CA SER A 18 0.30 3.25 2.50
C SER A 18 1.25 2.35 3.31
N SER A 19 2.15 1.65 2.59
CA SER A 19 3.18 0.77 3.17
C SER A 19 4.47 0.84 2.37
N ILE A 20 5.60 0.51 2.99
CA ILE A 20 6.90 0.35 2.29
C ILE A 20 6.91 -0.97 1.50
N THR A 21 7.22 -0.89 0.20
CA THR A 21 7.07 -1.96 -0.81
C THR A 21 5.62 -2.41 -1.07
N LYS A 22 5.33 -2.77 -2.33
CA LYS A 22 4.07 -3.42 -2.73
C LYS A 22 3.91 -4.82 -2.10
N ASN A 23 5.02 -5.47 -1.76
CA ASN A 23 5.07 -6.78 -1.13
C ASN A 23 4.55 -6.78 0.32
N CYS A 24 4.59 -5.63 1.01
CA CYS A 24 3.92 -5.44 2.31
C CYS A 24 2.49 -4.91 2.15
N LEU A 25 2.25 -3.98 1.21
CA LEU A 25 0.93 -3.40 0.93
C LEU A 25 -0.15 -4.46 0.63
N LYS A 26 0.21 -5.56 -0.05
CA LYS A 26 -0.73 -6.65 -0.39
C LYS A 26 -1.48 -7.22 0.83
N ARG A 27 -0.84 -7.24 2.02
CA ARG A 27 -1.45 -7.74 3.27
C ARG A 27 -2.59 -6.86 3.77
N HIS A 28 -2.48 -5.53 3.61
CA HIS A 28 -3.59 -4.59 3.87
C HIS A 28 -4.77 -4.84 2.92
N VAL A 29 -4.50 -5.05 1.63
CA VAL A 29 -5.55 -5.34 0.62
C VAL A 29 -6.25 -6.66 0.91
N ILE A 30 -5.50 -7.70 1.30
CA ILE A 30 -6.03 -9.01 1.73
C ILE A 30 -6.90 -8.87 3.00
N GLN A 31 -6.45 -8.08 3.98
CA GLN A 31 -7.12 -7.94 5.28
C GLN A 31 -8.38 -7.06 5.22
N LYS A 32 -8.35 -5.93 4.49
CA LYS A 32 -9.39 -4.89 4.50
C LYS A 32 -10.26 -4.81 3.25
N HIS A 33 -9.79 -5.35 2.11
CA HIS A 33 -10.40 -5.16 0.78
C HIS A 33 -10.52 -6.49 -0.01
N SER A 34 -10.72 -7.61 0.68
CA SER A 34 -10.82 -8.95 0.08
C SER A 34 -11.92 -9.06 -0.98
N ASN A 35 -11.65 -9.78 -2.07
CA ASN A 35 -12.58 -10.06 -3.16
C ASN A 35 -13.61 -11.17 -2.82
N ILE A 36 -13.43 -11.88 -1.69
CA ILE A 36 -14.28 -13.01 -1.28
C ILE A 36 -15.69 -12.54 -0.82
N LEU A 37 -15.78 -11.31 -0.33
CA LEU A 37 -17.00 -10.68 0.22
C LEU A 37 -17.64 -9.66 -0.74
ZN ZN B . -6.97 0.25 1.85
N GLY A 1 27.64 11.50 -3.79
CA GLY A 1 26.19 11.27 -3.55
C GLY A 1 25.49 12.51 -3.03
N SER A 2 24.16 12.44 -2.93
CA SER A 2 23.27 13.55 -2.52
C SER A 2 22.22 13.11 -1.49
N SER A 3 21.70 14.05 -0.70
CA SER A 3 20.68 13.81 0.34
C SER A 3 19.32 13.38 -0.27
N GLY A 4 18.55 12.60 0.50
CA GLY A 4 17.23 12.10 0.10
C GLY A 4 16.54 11.26 1.19
N SER A 5 15.34 10.77 0.90
CA SER A 5 14.51 9.98 1.83
C SER A 5 15.11 8.61 2.16
N SER A 6 14.87 8.12 3.38
CA SER A 6 15.40 6.83 3.89
C SER A 6 14.67 5.59 3.35
N GLY A 7 13.55 5.76 2.66
CA GLY A 7 12.73 4.70 2.06
C GLY A 7 11.59 5.25 1.20
N HIS A 8 10.74 4.36 0.66
CA HIS A 8 9.62 4.69 -0.22
C HIS A 8 8.31 4.00 0.21
N LEU A 9 7.18 4.66 -0.03
CA LEU A 9 5.84 4.18 0.31
C LEU A 9 5.00 3.88 -0.94
N TYR A 10 4.16 2.86 -0.84
CA TYR A 10 3.23 2.39 -1.88
C TYR A 10 1.80 2.48 -1.33
N TYR A 11 0.88 3.04 -2.13
CA TYR A 11 -0.47 3.42 -1.69
C TYR A 11 -1.56 2.45 -2.16
N CYS A 12 -2.58 2.25 -1.33
CA CYS A 12 -3.74 1.41 -1.57
C CYS A 12 -4.56 1.84 -2.81
N SER A 13 -5.24 0.87 -3.43
CA SER A 13 -6.12 1.07 -4.58
C SER A 13 -7.53 1.54 -4.19
N GLN A 14 -7.92 1.41 -2.91
CA GLN A 14 -9.30 1.62 -2.44
C GLN A 14 -9.44 2.58 -1.23
N CYS A 15 -8.34 2.96 -0.58
CA CYS A 15 -8.32 3.96 0.50
C CYS A 15 -6.99 4.77 0.55
N HIS A 16 -6.83 5.59 1.59
CA HIS A 16 -5.67 6.47 1.78
C HIS A 16 -4.44 5.79 2.44
N TYR A 17 -4.53 4.49 2.75
CA TYR A 17 -3.44 3.72 3.38
C TYR A 17 -2.18 3.62 2.50
N SER A 18 -1.01 3.53 3.13
CA SER A 18 0.26 3.19 2.47
C SER A 18 1.21 2.38 3.37
N SER A 19 2.11 1.61 2.74
CA SER A 19 3.15 0.81 3.41
C SER A 19 4.46 0.79 2.62
N ILE A 20 5.56 0.36 3.24
CA ILE A 20 6.84 0.13 2.56
C ILE A 20 6.79 -1.14 1.71
N THR A 21 7.33 -1.06 0.49
CA THR A 21 7.22 -2.06 -0.61
C THR A 21 5.78 -2.31 -1.10
N LYS A 22 5.65 -2.63 -2.40
CA LYS A 22 4.39 -3.11 -2.98
C LYS A 22 4.02 -4.53 -2.48
N ASN A 23 5.02 -5.31 -2.07
CA ASN A 23 4.86 -6.67 -1.53
C ASN A 23 4.12 -6.68 -0.19
N CYS A 24 4.47 -5.78 0.75
CA CYS A 24 3.79 -5.68 2.03
C CYS A 24 2.37 -5.07 1.91
N LEU A 25 2.17 -4.14 0.96
CA LEU A 25 0.88 -3.52 0.67
C LEU A 25 -0.22 -4.55 0.34
N LYS A 26 0.13 -5.69 -0.27
CA LYS A 26 -0.83 -6.79 -0.55
C LYS A 26 -1.55 -7.28 0.71
N ARG A 27 -0.88 -7.30 1.86
CA ARG A 27 -1.43 -7.76 3.16
C ARG A 27 -2.58 -6.87 3.62
N HIS A 28 -2.48 -5.56 3.41
CA HIS A 28 -3.57 -4.62 3.68
C HIS A 28 -4.79 -4.90 2.77
N VAL A 29 -4.58 -5.12 1.48
CA VAL A 29 -5.68 -5.42 0.53
C VAL A 29 -6.35 -6.76 0.85
N ILE A 30 -5.58 -7.76 1.28
CA ILE A 30 -6.07 -9.08 1.72
C ILE A 30 -6.93 -8.95 3.01
N GLN A 31 -6.48 -8.17 4.00
CA GLN A 31 -7.09 -8.14 5.34
C GLN A 31 -8.17 -7.06 5.53
N LYS A 32 -8.06 -5.91 4.87
CA LYS A 32 -8.90 -4.72 5.12
C LYS A 32 -9.93 -4.40 4.04
N HIS A 33 -9.87 -5.05 2.88
CA HIS A 33 -10.85 -4.90 1.79
C HIS A 33 -11.45 -6.25 1.35
N SER A 34 -12.71 -6.22 0.91
CA SER A 34 -13.50 -7.38 0.45
C SER A 34 -13.84 -7.34 -1.05
N ASN A 35 -13.29 -6.35 -1.77
CA ASN A 35 -13.53 -6.06 -3.19
C ASN A 35 -12.22 -5.70 -3.91
N ILE A 36 -12.23 -5.73 -5.25
CA ILE A 36 -11.11 -5.36 -6.13
C ILE A 36 -11.59 -4.46 -7.29
N LEU A 37 -10.68 -3.60 -7.78
CA LEU A 37 -10.92 -2.63 -8.88
C LEU A 37 -10.00 -2.90 -10.08
ZN ZN B . -6.96 0.19 1.55
N GLY A 1 23.93 13.35 4.76
CA GLY A 1 24.66 12.26 4.05
C GLY A 1 23.70 11.30 3.35
N SER A 2 24.15 10.07 3.11
CA SER A 2 23.37 8.99 2.47
C SER A 2 23.78 7.61 2.99
N SER A 3 22.82 6.68 3.03
CA SER A 3 23.03 5.26 3.36
C SER A 3 23.48 4.41 2.17
N GLY A 4 23.54 4.98 0.95
CA GLY A 4 23.91 4.28 -0.29
C GLY A 4 22.83 3.32 -0.83
N SER A 5 21.61 3.39 -0.31
CA SER A 5 20.44 2.57 -0.70
C SER A 5 19.14 3.35 -0.49
N SER A 6 18.04 2.90 -1.13
CA SER A 6 16.75 3.60 -1.16
C SER A 6 15.54 2.64 -1.14
N GLY A 7 14.36 3.20 -0.82
CA GLY A 7 13.07 2.51 -0.80
C GLY A 7 11.89 3.49 -0.82
N HIS A 8 10.69 3.02 -1.17
CA HIS A 8 9.52 3.87 -1.45
C HIS A 8 8.23 3.34 -0.82
N LEU A 9 7.31 4.27 -0.52
CA LEU A 9 5.92 3.99 -0.13
C LEU A 9 5.06 3.66 -1.36
N TYR A 10 4.14 2.72 -1.18
CA TYR A 10 3.09 2.38 -2.14
C TYR A 10 1.72 2.53 -1.48
N TYR A 11 0.73 3.03 -2.22
CA TYR A 11 -0.58 3.46 -1.70
C TYR A 11 -1.71 2.52 -2.14
N CYS A 12 -2.69 2.34 -1.24
CA CYS A 12 -3.88 1.51 -1.44
C CYS A 12 -4.77 2.03 -2.60
N SER A 13 -5.43 1.10 -3.30
CA SER A 13 -6.37 1.40 -4.39
C SER A 13 -7.79 1.70 -3.90
N GLN A 14 -8.11 1.38 -2.64
CA GLN A 14 -9.46 1.52 -2.06
C GLN A 14 -9.54 2.59 -0.94
N CYS A 15 -8.43 2.94 -0.29
CA CYS A 15 -8.37 3.92 0.81
C CYS A 15 -7.05 4.74 0.84
N HIS A 16 -6.86 5.52 1.90
CA HIS A 16 -5.71 6.43 2.08
C HIS A 16 -4.44 5.76 2.66
N TYR A 17 -4.48 4.46 2.95
CA TYR A 17 -3.36 3.70 3.51
C TYR A 17 -2.14 3.63 2.58
N SER A 18 -0.94 3.55 3.16
CA SER A 18 0.32 3.26 2.45
C SER A 18 1.30 2.43 3.30
N SER A 19 2.17 1.68 2.62
CA SER A 19 3.26 0.89 3.23
C SER A 19 4.49 0.83 2.32
N ILE A 20 5.68 0.59 2.88
CA ILE A 20 6.91 0.41 2.10
C ILE A 20 6.97 -0.98 1.46
N THR A 21 7.33 -1.03 0.18
CA THR A 21 7.32 -2.23 -0.69
C THR A 21 5.92 -2.83 -0.94
N LYS A 22 5.62 -3.17 -2.20
CA LYS A 22 4.29 -3.67 -2.64
C LYS A 22 3.87 -4.99 -1.97
N ASN A 23 4.84 -5.85 -1.62
CA ASN A 23 4.61 -7.10 -0.89
C ASN A 23 4.04 -6.89 0.53
N CYS A 24 4.24 -5.71 1.14
CA CYS A 24 3.63 -5.34 2.42
C CYS A 24 2.25 -4.69 2.21
N LEU A 25 2.10 -3.82 1.21
CA LEU A 25 0.82 -3.22 0.83
C LEU A 25 -0.24 -4.28 0.48
N LYS A 26 0.15 -5.36 -0.23
CA LYS A 26 -0.73 -6.46 -0.61
C LYS A 26 -1.42 -7.10 0.60
N ARG A 27 -0.76 -7.15 1.76
CA ARG A 27 -1.29 -7.72 3.02
C ARG A 27 -2.44 -6.87 3.58
N HIS A 28 -2.34 -5.54 3.50
CA HIS A 28 -3.46 -4.63 3.80
C HIS A 28 -4.64 -4.86 2.85
N VAL A 29 -4.38 -5.02 1.55
CA VAL A 29 -5.44 -5.26 0.55
C VAL A 29 -6.15 -6.60 0.80
N ILE A 30 -5.40 -7.65 1.16
CA ILE A 30 -5.95 -8.97 1.57
C ILE A 30 -6.82 -8.86 2.84
N GLN A 31 -6.36 -8.12 3.85
CA GLN A 31 -7.00 -8.07 5.18
C GLN A 31 -8.20 -7.11 5.26
N LYS A 32 -8.18 -5.98 4.54
CA LYS A 32 -9.14 -4.87 4.69
C LYS A 32 -10.13 -4.70 3.53
N HIS A 33 -9.86 -5.28 2.36
CA HIS A 33 -10.64 -5.08 1.13
C HIS A 33 -10.96 -6.40 0.40
N SER A 34 -11.88 -6.34 -0.56
CA SER A 34 -12.22 -7.46 -1.46
C SER A 34 -12.83 -6.96 -2.79
N ASN A 35 -12.70 -7.77 -3.84
CA ASN A 35 -13.33 -7.57 -5.16
C ASN A 35 -14.11 -8.82 -5.63
N ILE A 36 -14.33 -9.80 -4.73
CA ILE A 36 -14.92 -11.12 -5.02
C ILE A 36 -16.00 -11.52 -4.00
N LEU A 37 -16.87 -12.47 -4.38
CA LEU A 37 -17.95 -13.03 -3.56
C LEU A 37 -17.44 -14.16 -2.64
ZN ZN B . -6.91 0.17 1.81
N GLY A 1 5.03 18.37 1.63
CA GLY A 1 5.66 17.14 1.11
C GLY A 1 5.85 16.09 2.20
N SER A 2 6.34 14.91 1.81
CA SER A 2 6.59 13.75 2.70
C SER A 2 7.81 12.92 2.25
N SER A 3 8.34 12.07 3.14
CA SER A 3 9.51 11.21 2.92
C SER A 3 9.43 9.90 3.70
N GLY A 4 10.28 8.92 3.34
CA GLY A 4 10.37 7.61 3.98
C GLY A 4 11.36 6.67 3.28
N SER A 5 11.27 5.37 3.56
CA SER A 5 12.17 4.33 3.00
C SER A 5 12.24 4.37 1.47
N SER A 6 13.47 4.29 0.95
CA SER A 6 13.85 4.43 -0.48
C SER A 6 13.23 5.64 -1.22
N GLY A 7 12.77 6.66 -0.50
CA GLY A 7 12.11 7.86 -1.04
C GLY A 7 10.71 7.64 -1.62
N HIS A 8 10.09 6.46 -1.43
CA HIS A 8 8.80 6.10 -2.02
C HIS A 8 7.96 5.18 -1.12
N LEU A 9 6.77 5.65 -0.73
CA LEU A 9 5.73 4.86 -0.07
C LEU A 9 4.70 4.38 -1.11
N TYR A 10 4.18 3.17 -0.93
CA TYR A 10 3.27 2.50 -1.85
C TYR A 10 1.85 2.58 -1.29
N TYR A 11 0.91 3.16 -2.05
CA TYR A 11 -0.44 3.52 -1.59
C TYR A 11 -1.52 2.52 -2.02
N CYS A 12 -2.49 2.30 -1.14
CA CYS A 12 -3.68 1.47 -1.36
C CYS A 12 -4.52 1.97 -2.56
N SER A 13 -5.17 1.03 -3.24
CA SER A 13 -6.07 1.28 -4.38
C SER A 13 -7.55 1.40 -3.99
N GLN A 14 -7.89 1.27 -2.70
CA GLN A 14 -9.25 1.49 -2.15
C GLN A 14 -9.34 2.61 -1.10
N CYS A 15 -8.25 2.94 -0.39
CA CYS A 15 -8.22 3.94 0.68
C CYS A 15 -6.89 4.74 0.75
N HIS A 16 -6.73 5.54 1.81
CA HIS A 16 -5.59 6.45 2.02
C HIS A 16 -4.34 5.79 2.64
N TYR A 17 -4.40 4.50 2.98
CA TYR A 17 -3.28 3.75 3.59
C TYR A 17 -2.05 3.65 2.67
N SER A 18 -0.86 3.53 3.26
CA SER A 18 0.39 3.26 2.54
C SER A 18 1.37 2.38 3.34
N SER A 19 2.23 1.64 2.62
CA SER A 19 3.25 0.74 3.18
C SER A 19 4.54 0.71 2.34
N ILE A 20 5.54 -0.06 2.78
CA ILE A 20 6.82 -0.25 2.11
C ILE A 20 6.78 -1.44 1.13
N THR A 21 6.88 -1.13 -0.18
CA THR A 21 6.67 -2.02 -1.33
C THR A 21 5.28 -2.67 -1.43
N LYS A 22 4.94 -3.15 -2.63
CA LYS A 22 3.74 -3.96 -2.89
C LYS A 22 3.68 -5.25 -2.06
N ASN A 23 4.84 -5.79 -1.66
CA ASN A 23 4.97 -7.03 -0.89
C ASN A 23 4.43 -6.91 0.55
N CYS A 24 4.42 -5.69 1.11
CA CYS A 24 3.79 -5.39 2.40
C CYS A 24 2.39 -4.78 2.23
N LEU A 25 2.20 -3.90 1.23
CA LEU A 25 0.89 -3.29 0.92
C LEU A 25 -0.20 -4.33 0.63
N LYS A 26 0.11 -5.41 -0.09
CA LYS A 26 -0.85 -6.48 -0.42
C LYS A 26 -1.48 -7.11 0.83
N ARG A 27 -0.77 -7.14 1.97
CA ARG A 27 -1.24 -7.69 3.25
C ARG A 27 -2.38 -6.86 3.85
N HIS A 28 -2.38 -5.54 3.62
CA HIS A 28 -3.51 -4.66 3.94
C HIS A 28 -4.70 -4.92 3.01
N VAL A 29 -4.45 -5.06 1.70
CA VAL A 29 -5.51 -5.33 0.69
C VAL A 29 -6.21 -6.67 0.98
N ILE A 30 -5.46 -7.72 1.35
CA ILE A 30 -5.99 -9.03 1.76
C ILE A 30 -6.93 -8.91 2.97
N GLN A 31 -6.54 -8.14 3.99
CA GLN A 31 -7.28 -8.07 5.27
C GLN A 31 -8.46 -7.07 5.25
N LYS A 32 -8.35 -5.97 4.50
CA LYS A 32 -9.33 -4.86 4.51
C LYS A 32 -10.21 -4.77 3.26
N HIS A 33 -9.76 -5.30 2.12
CA HIS A 33 -10.38 -5.11 0.80
C HIS A 33 -10.54 -6.44 0.02
N SER A 34 -10.86 -7.53 0.74
CA SER A 34 -11.12 -8.86 0.17
C SER A 34 -12.32 -8.87 -0.78
N ASN A 35 -12.38 -9.87 -1.68
CA ASN A 35 -13.35 -9.99 -2.79
C ASN A 35 -14.82 -10.20 -2.36
N ILE A 36 -15.09 -10.28 -1.04
CA ILE A 36 -16.44 -10.35 -0.45
C ILE A 36 -17.23 -9.02 -0.55
N LEU A 37 -16.54 -7.89 -0.76
CA LEU A 37 -17.12 -6.54 -0.89
C LEU A 37 -17.91 -6.31 -2.19
ZN ZN B . -6.82 0.22 1.81
N GLY A 1 7.83 13.30 -11.52
CA GLY A 1 7.41 12.41 -12.63
C GLY A 1 6.98 11.05 -12.12
N SER A 2 5.98 10.43 -12.77
CA SER A 2 5.32 9.19 -12.32
C SER A 2 6.23 7.94 -12.30
N SER A 3 7.38 7.99 -12.99
CA SER A 3 8.42 6.94 -12.99
C SER A 3 9.34 6.96 -11.75
N GLY A 4 9.25 8.00 -10.91
CA GLY A 4 10.04 8.16 -9.68
C GLY A 4 9.53 7.35 -8.48
N SER A 5 10.05 7.68 -7.29
CA SER A 5 9.66 7.11 -5.98
C SER A 5 9.82 5.58 -5.85
N SER A 6 10.77 4.98 -6.59
CA SER A 6 11.08 3.54 -6.51
C SER A 6 11.55 3.14 -5.10
N GLY A 7 10.92 2.11 -4.52
CA GLY A 7 11.21 1.60 -3.18
C GLY A 7 10.66 2.46 -2.02
N HIS A 8 9.84 3.47 -2.31
CA HIS A 8 9.19 4.35 -1.32
C HIS A 8 7.88 3.71 -0.77
N LEU A 9 7.16 4.48 0.07
CA LEU A 9 5.79 4.16 0.49
C LEU A 9 4.86 4.13 -0.74
N TYR A 10 4.11 3.05 -0.92
CA TYR A 10 3.10 2.87 -1.97
C TYR A 10 1.69 2.89 -1.39
N TYR A 11 0.75 3.54 -2.08
CA TYR A 11 -0.62 3.77 -1.60
C TYR A 11 -1.62 2.70 -2.07
N CYS A 12 -2.61 2.42 -1.22
CA CYS A 12 -3.72 1.50 -1.46
C CYS A 12 -4.57 1.92 -2.68
N SER A 13 -5.20 0.92 -3.30
CA SER A 13 -6.10 1.08 -4.46
C SER A 13 -7.54 1.47 -4.06
N GLN A 14 -7.90 1.37 -2.77
CA GLN A 14 -9.27 1.60 -2.28
C GLN A 14 -9.39 2.57 -1.08
N CYS A 15 -8.28 2.94 -0.42
CA CYS A 15 -8.26 3.92 0.67
C CYS A 15 -6.95 4.75 0.72
N HIS A 16 -6.79 5.58 1.76
CA HIS A 16 -5.66 6.49 1.94
C HIS A 16 -4.42 5.84 2.61
N TYR A 17 -4.48 4.54 2.96
CA TYR A 17 -3.37 3.79 3.55
C TYR A 17 -2.14 3.71 2.61
N SER A 18 -0.94 3.66 3.20
CA SER A 18 0.30 3.36 2.48
C SER A 18 1.30 2.55 3.32
N SER A 19 2.11 1.72 2.64
CA SER A 19 3.22 0.95 3.23
C SER A 19 4.38 0.77 2.24
N ILE A 20 5.58 0.45 2.74
CA ILE A 20 6.78 0.26 1.91
C ILE A 20 6.74 -1.10 1.19
N THR A 21 7.03 -1.08 -0.11
CA THR A 21 6.93 -2.20 -1.09
C THR A 21 5.55 -2.88 -1.24
N LYS A 22 5.27 -3.39 -2.45
CA LYS A 22 4.00 -4.07 -2.79
C LYS A 22 3.80 -5.36 -1.98
N ASN A 23 4.88 -6.01 -1.55
CA ASN A 23 4.84 -7.21 -0.70
C ASN A 23 4.25 -6.94 0.70
N CYS A 24 4.31 -5.70 1.20
CA CYS A 24 3.59 -5.28 2.41
C CYS A 24 2.18 -4.77 2.09
N LEU A 25 2.02 -3.96 1.03
CA LEU A 25 0.74 -3.37 0.63
C LEU A 25 -0.32 -4.42 0.28
N LYS A 26 0.07 -5.52 -0.36
CA LYS A 26 -0.82 -6.65 -0.67
C LYS A 26 -1.46 -7.27 0.59
N ARG A 27 -0.76 -7.25 1.73
CA ARG A 27 -1.26 -7.76 3.02
C ARG A 27 -2.42 -6.90 3.56
N HIS A 28 -2.31 -5.57 3.43
CA HIS A 28 -3.42 -4.64 3.71
C HIS A 28 -4.62 -4.91 2.79
N VAL A 29 -4.39 -5.12 1.49
CA VAL A 29 -5.47 -5.42 0.52
C VAL A 29 -6.15 -6.77 0.82
N ILE A 30 -5.40 -7.78 1.25
CA ILE A 30 -5.93 -9.08 1.72
C ILE A 30 -6.79 -8.91 3.00
N GLN A 31 -6.33 -8.12 3.97
CA GLN A 31 -6.96 -8.02 5.30
C GLN A 31 -8.13 -7.02 5.38
N LYS A 32 -8.08 -5.90 4.64
CA LYS A 32 -9.00 -4.76 4.79
C LYS A 32 -9.98 -4.56 3.62
N HIS A 33 -9.77 -5.22 2.49
CA HIS A 33 -10.55 -5.05 1.26
C HIS A 33 -11.02 -6.39 0.64
N SER A 34 -11.85 -6.32 -0.40
CA SER A 34 -12.58 -7.44 -1.01
C SER A 34 -11.72 -8.40 -1.89
N ASN A 35 -10.46 -8.62 -1.50
CA ASN A 35 -9.54 -9.59 -2.11
C ASN A 35 -10.04 -11.05 -1.94
N ILE A 36 -10.76 -11.31 -0.84
CA ILE A 36 -11.41 -12.58 -0.51
C ILE A 36 -12.91 -12.36 -0.24
N LEU A 37 -13.72 -13.40 -0.47
CA LEU A 37 -15.20 -13.42 -0.33
C LEU A 37 -15.68 -14.68 0.42
ZN ZN B . -6.85 0.17 1.71
N GLY A 1 15.29 4.61 -8.71
CA GLY A 1 14.15 4.18 -7.85
C GLY A 1 13.27 5.34 -7.45
N SER A 2 12.61 5.24 -6.30
CA SER A 2 11.65 6.22 -5.76
C SER A 2 12.03 6.68 -4.34
N SER A 3 11.61 7.90 -3.97
CA SER A 3 11.93 8.52 -2.67
C SER A 3 11.30 7.81 -1.46
N GLY A 4 12.00 7.81 -0.33
CA GLY A 4 11.57 7.24 0.94
C GLY A 4 12.69 7.16 1.99
N SER A 5 12.35 6.88 3.24
CA SER A 5 13.28 6.86 4.38
C SER A 5 14.12 5.58 4.50
N SER A 6 13.54 4.43 4.12
CA SER A 6 14.19 3.09 4.18
C SER A 6 13.98 2.23 2.92
N GLY A 7 13.16 2.69 1.97
CA GLY A 7 12.83 2.01 0.71
C GLY A 7 11.65 2.68 0.00
N HIS A 8 11.12 2.03 -1.04
CA HIS A 8 10.00 2.57 -1.84
C HIS A 8 8.67 2.53 -1.08
N LEU A 9 7.88 3.60 -1.21
CA LEU A 9 6.50 3.69 -0.69
C LEU A 9 5.48 3.37 -1.80
N TYR A 10 4.39 2.72 -1.40
CA TYR A 10 3.26 2.31 -2.24
C TYR A 10 1.92 2.64 -1.54
N TYR A 11 0.85 2.85 -2.31
CA TYR A 11 -0.42 3.40 -1.82
C TYR A 11 -1.64 2.58 -2.25
N CYS A 12 -2.64 2.46 -1.37
CA CYS A 12 -3.88 1.73 -1.60
C CYS A 12 -4.77 2.39 -2.68
N SER A 13 -5.56 1.56 -3.36
CA SER A 13 -6.54 1.98 -4.37
C SER A 13 -7.98 2.04 -3.82
N GLN A 14 -8.22 1.48 -2.62
CA GLN A 14 -9.54 1.41 -1.98
C GLN A 14 -9.66 2.33 -0.75
N CYS A 15 -8.55 2.78 -0.17
CA CYS A 15 -8.49 3.73 0.94
C CYS A 15 -7.22 4.63 0.87
N HIS A 16 -6.98 5.42 1.92
CA HIS A 16 -5.86 6.37 2.02
C HIS A 16 -4.56 5.75 2.60
N TYR A 17 -4.49 4.43 2.79
CA TYR A 17 -3.35 3.73 3.38
C TYR A 17 -2.06 3.82 2.54
N SER A 18 -0.92 3.86 3.24
CA SER A 18 0.45 3.91 2.70
C SER A 18 1.29 2.79 3.30
N SER A 19 2.16 2.15 2.49
CA SER A 19 2.99 1.02 2.90
C SER A 19 4.41 1.09 2.32
N ILE A 20 5.40 0.60 3.06
CA ILE A 20 6.79 0.46 2.60
C ILE A 20 6.99 -0.95 2.04
N THR A 21 7.42 -1.03 0.77
CA THR A 21 7.46 -2.23 -0.09
C THR A 21 6.06 -2.78 -0.43
N LYS A 22 5.84 -3.16 -1.69
CA LYS A 22 4.51 -3.49 -2.23
C LYS A 22 3.91 -4.80 -1.69
N ASN A 23 4.72 -5.74 -1.18
CA ASN A 23 4.24 -6.95 -0.52
C ASN A 23 3.41 -6.66 0.75
N CYS A 24 3.79 -5.65 1.54
CA CYS A 24 3.01 -5.18 2.69
C CYS A 24 1.69 -4.55 2.26
N LEU A 25 1.67 -3.82 1.13
CA LEU A 25 0.45 -3.29 0.53
C LEU A 25 -0.49 -4.42 0.04
N LYS A 26 0.04 -5.47 -0.60
CA LYS A 26 -0.76 -6.64 -1.00
C LYS A 26 -1.40 -7.33 0.22
N ARG A 27 -0.67 -7.47 1.33
CA ARG A 27 -1.24 -7.99 2.60
C ARG A 27 -2.32 -7.06 3.18
N HIS A 28 -2.18 -5.74 3.10
CA HIS A 28 -3.25 -4.80 3.44
C HIS A 28 -4.50 -5.03 2.57
N VAL A 29 -4.35 -5.15 1.25
CA VAL A 29 -5.50 -5.37 0.34
C VAL A 29 -6.19 -6.72 0.61
N ILE A 30 -5.42 -7.77 0.92
CA ILE A 30 -5.94 -9.10 1.29
C ILE A 30 -6.71 -9.06 2.62
N GLN A 31 -6.22 -8.33 3.62
CA GLN A 31 -6.75 -8.37 5.00
C GLN A 31 -7.84 -7.32 5.29
N LYS A 32 -7.77 -6.13 4.67
CA LYS A 32 -8.60 -4.95 5.02
C LYS A 32 -9.71 -4.62 4.01
N HIS A 33 -9.71 -5.22 2.82
CA HIS A 33 -10.72 -5.00 1.78
C HIS A 33 -11.32 -6.32 1.26
N SER A 34 -12.58 -6.29 0.84
CA SER A 34 -13.33 -7.44 0.29
C SER A 34 -14.48 -7.01 -0.63
N ASN A 35 -15.28 -6.01 -0.20
CA ASN A 35 -16.34 -5.37 -0.97
C ASN A 35 -16.32 -3.85 -0.76
N ILE A 36 -16.67 -3.08 -1.79
CA ILE A 36 -16.57 -1.60 -1.85
C ILE A 36 -17.91 -1.01 -2.35
N LEU A 37 -18.33 0.11 -1.76
CA LEU A 37 -19.59 0.82 -2.06
C LEU A 37 -19.65 1.48 -3.46
ZN ZN B . -6.75 0.08 1.66
N GLY A 1 12.93 21.28 5.77
CA GLY A 1 11.86 20.58 5.01
C GLY A 1 11.47 19.27 5.68
N SER A 2 11.03 18.29 4.89
CA SER A 2 10.59 16.97 5.37
C SER A 2 11.72 16.13 5.98
N SER A 3 11.39 15.24 6.92
CA SER A 3 12.32 14.35 7.62
C SER A 3 11.66 13.00 8.01
N GLY A 4 12.48 12.00 8.32
CA GLY A 4 12.03 10.64 8.69
C GLY A 4 11.62 9.76 7.49
N SER A 5 11.18 8.54 7.80
CA SER A 5 10.89 7.44 6.85
C SER A 5 12.08 6.97 5.99
N SER A 6 11.91 5.85 5.29
CA SER A 6 12.93 5.23 4.42
C SER A 6 12.29 4.33 3.34
N GLY A 7 12.95 4.21 2.19
CA GLY A 7 12.49 3.40 1.05
C GLY A 7 11.25 3.96 0.33
N HIS A 8 10.71 3.18 -0.62
CA HIS A 8 9.52 3.55 -1.40
C HIS A 8 8.22 3.06 -0.74
N LEU A 9 7.31 3.99 -0.45
CA LEU A 9 5.96 3.69 0.05
C LEU A 9 4.98 3.56 -1.13
N TYR A 10 4.22 2.47 -1.14
CA TYR A 10 3.19 2.15 -2.12
C TYR A 10 1.80 2.44 -1.52
N TYR A 11 0.89 3.00 -2.32
CA TYR A 11 -0.40 3.54 -1.87
C TYR A 11 -1.59 2.68 -2.34
N CYS A 12 -2.60 2.53 -1.47
CA CYS A 12 -3.79 1.71 -1.70
C CYS A 12 -4.70 2.23 -2.82
N SER A 13 -5.41 1.30 -3.46
CA SER A 13 -6.38 1.57 -4.54
C SER A 13 -7.79 1.84 -4.03
N GLN A 14 -8.09 1.56 -2.75
CA GLN A 14 -9.44 1.66 -2.17
C GLN A 14 -9.54 2.55 -0.92
N CYS A 15 -8.42 2.93 -0.30
CA CYS A 15 -8.35 3.85 0.86
C CYS A 15 -7.09 4.73 0.83
N HIS A 16 -6.89 5.54 1.89
CA HIS A 16 -5.77 6.47 2.03
C HIS A 16 -4.47 5.83 2.57
N TYR A 17 -4.46 4.51 2.81
CA TYR A 17 -3.32 3.78 3.37
C TYR A 17 -2.10 3.74 2.43
N SER A 18 -0.90 3.67 3.02
CA SER A 18 0.37 3.39 2.32
C SER A 18 1.35 2.61 3.20
N SER A 19 2.22 1.82 2.58
CA SER A 19 3.23 1.01 3.27
C SER A 19 4.53 0.80 2.48
N ILE A 20 5.62 0.51 3.18
CA ILE A 20 6.93 0.17 2.60
C ILE A 20 6.86 -1.20 1.88
N THR A 21 7.28 -1.22 0.61
CA THR A 21 7.12 -2.32 -0.36
C THR A 21 5.66 -2.64 -0.77
N LYS A 22 5.47 -3.04 -2.03
CA LYS A 22 4.17 -3.52 -2.55
C LYS A 22 3.71 -4.85 -1.94
N ASN A 23 4.62 -5.63 -1.36
CA ASN A 23 4.28 -6.85 -0.61
C ASN A 23 3.44 -6.51 0.64
N CYS A 24 3.87 -5.51 1.43
CA CYS A 24 3.09 -5.03 2.58
C CYS A 24 1.72 -4.46 2.15
N LEU A 25 1.67 -3.77 1.00
CA LEU A 25 0.42 -3.25 0.45
C LEU A 25 -0.55 -4.38 0.03
N LYS A 26 -0.05 -5.44 -0.62
CA LYS A 26 -0.86 -6.63 -0.96
C LYS A 26 -1.43 -7.29 0.29
N ARG A 27 -0.65 -7.40 1.37
CA ARG A 27 -1.15 -7.90 2.67
C ARG A 27 -2.21 -6.98 3.30
N HIS A 28 -2.08 -5.65 3.17
CA HIS A 28 -3.15 -4.70 3.54
C HIS A 28 -4.44 -4.96 2.75
N VAL A 29 -4.36 -5.11 1.42
CA VAL A 29 -5.55 -5.36 0.58
C VAL A 29 -6.21 -6.69 0.96
N ILE A 30 -5.42 -7.76 1.15
CA ILE A 30 -5.91 -9.07 1.60
C ILE A 30 -6.62 -8.99 2.97
N GLN A 31 -6.06 -8.23 3.92
CA GLN A 31 -6.56 -8.13 5.30
C GLN A 31 -7.76 -7.18 5.46
N LYS A 32 -7.79 -6.06 4.74
CA LYS A 32 -8.76 -4.95 4.95
C LYS A 32 -9.81 -4.79 3.84
N HIS A 33 -9.58 -5.32 2.63
CA HIS A 33 -10.48 -5.15 1.49
C HIS A 33 -10.95 -6.49 0.86
N SER A 34 -10.18 -7.57 1.02
CA SER A 34 -10.48 -8.94 0.57
C SER A 34 -10.67 -9.10 -0.96
N ASN A 35 -10.93 -10.33 -1.42
CA ASN A 35 -11.29 -10.63 -2.81
C ASN A 35 -12.68 -10.07 -3.15
N ILE A 36 -12.82 -9.44 -4.33
CA ILE A 36 -14.06 -8.81 -4.80
C ILE A 36 -14.99 -9.80 -5.53
N LEU A 37 -16.30 -9.66 -5.31
CA LEU A 37 -17.36 -10.51 -5.87
C LEU A 37 -17.73 -10.10 -7.33
ZN ZN B . -6.69 0.12 1.56
N GLY A 1 15.65 13.70 -1.60
CA GLY A 1 14.31 13.12 -1.30
C GLY A 1 13.57 13.95 -0.27
N SER A 2 12.24 14.01 -0.36
CA SER A 2 11.38 14.86 0.48
C SER A 2 11.21 14.37 1.93
N SER A 3 11.48 13.08 2.19
CA SER A 3 11.32 12.42 3.50
C SER A 3 12.52 11.51 3.82
N GLY A 4 12.82 11.32 5.11
CA GLY A 4 13.94 10.49 5.59
C GLY A 4 13.70 8.97 5.59
N SER A 5 12.50 8.52 5.22
CA SER A 5 12.09 7.10 5.23
C SER A 5 12.91 6.22 4.29
N SER A 6 13.17 4.97 4.70
CA SER A 6 13.86 3.94 3.89
C SER A 6 12.95 3.31 2.83
N GLY A 7 13.54 2.74 1.78
CA GLY A 7 12.83 2.13 0.65
C GLY A 7 11.98 3.15 -0.14
N HIS A 8 10.80 2.73 -0.58
CA HIS A 8 9.79 3.58 -1.22
C HIS A 8 8.37 3.17 -0.79
N LEU A 9 7.48 4.15 -0.62
CA LEU A 9 6.10 3.93 -0.15
C LEU A 9 5.13 3.73 -1.31
N TYR A 10 4.21 2.79 -1.14
CA TYR A 10 3.14 2.44 -2.08
C TYR A 10 1.77 2.56 -1.41
N TYR A 11 0.77 3.05 -2.14
CA TYR A 11 -0.54 3.43 -1.61
C TYR A 11 -1.65 2.44 -2.02
N CYS A 12 -2.62 2.24 -1.12
CA CYS A 12 -3.75 1.33 -1.26
C CYS A 12 -4.60 1.61 -2.52
N SER A 13 -5.19 0.54 -3.06
CA SER A 13 -6.07 0.57 -4.24
C SER A 13 -7.51 0.98 -3.90
N GLN A 14 -7.89 1.06 -2.62
CA GLN A 14 -9.25 1.40 -2.16
C GLN A 14 -9.33 2.53 -1.12
N CYS A 15 -8.24 2.87 -0.41
CA CYS A 15 -8.23 3.91 0.63
C CYS A 15 -6.91 4.71 0.69
N HIS A 16 -6.74 5.51 1.75
CA HIS A 16 -5.61 6.42 1.96
C HIS A 16 -4.37 5.77 2.60
N TYR A 17 -4.43 4.47 2.97
CA TYR A 17 -3.32 3.73 3.57
C TYR A 17 -2.09 3.62 2.65
N SER A 18 -0.89 3.52 3.23
CA SER A 18 0.36 3.22 2.52
C SER A 18 1.34 2.39 3.35
N SER A 19 2.22 1.65 2.68
CA SER A 19 3.29 0.85 3.28
C SER A 19 4.58 0.88 2.43
N ILE A 20 5.73 0.57 3.04
CA ILE A 20 7.01 0.43 2.33
C ILE A 20 7.03 -0.86 1.49
N THR A 21 7.35 -0.71 0.19
CA THR A 21 7.24 -1.70 -0.90
C THR A 21 5.84 -2.31 -1.13
N LYS A 22 5.50 -2.51 -2.41
CA LYS A 22 4.20 -3.04 -2.86
C LYS A 22 3.90 -4.46 -2.37
N ASN A 23 4.92 -5.26 -2.06
CA ASN A 23 4.77 -6.63 -1.56
C ASN A 23 4.19 -6.66 -0.13
N CYS A 24 4.54 -5.70 0.71
CA CYS A 24 4.02 -5.56 2.08
C CYS A 24 2.61 -4.95 2.11
N LEU A 25 2.29 -4.08 1.14
CA LEU A 25 0.99 -3.45 0.95
C LEU A 25 -0.13 -4.47 0.67
N LYS A 26 0.16 -5.59 -0.02
CA LYS A 26 -0.84 -6.64 -0.33
C LYS A 26 -1.59 -7.12 0.91
N ARG A 27 -0.90 -7.24 2.05
CA ARG A 27 -1.45 -7.72 3.32
C ARG A 27 -2.60 -6.85 3.86
N HIS A 28 -2.56 -5.54 3.61
CA HIS A 28 -3.64 -4.61 3.93
C HIS A 28 -4.84 -4.86 3.01
N VAL A 29 -4.63 -4.97 1.69
CA VAL A 29 -5.69 -5.21 0.70
C VAL A 29 -6.40 -6.55 0.95
N ILE A 30 -5.63 -7.60 1.27
CA ILE A 30 -6.13 -8.95 1.60
C ILE A 30 -7.07 -8.93 2.83
N GLN A 31 -6.73 -8.15 3.87
CA GLN A 31 -7.45 -8.16 5.15
C GLN A 31 -8.59 -7.13 5.24
N LYS A 32 -8.48 -5.98 4.55
CA LYS A 32 -9.40 -4.83 4.71
C LYS A 32 -10.38 -4.63 3.55
N HIS A 33 -10.09 -5.17 2.35
CA HIS A 33 -10.84 -4.89 1.12
C HIS A 33 -11.21 -6.17 0.34
N SER A 34 -12.09 -6.01 -0.67
CA SER A 34 -12.59 -7.11 -1.50
C SER A 34 -11.54 -7.68 -2.46
N ASN A 35 -11.63 -8.97 -2.78
CA ASN A 35 -10.72 -9.65 -3.72
C ASN A 35 -11.06 -9.35 -5.20
N ILE A 36 -12.34 -9.10 -5.51
CA ILE A 36 -12.82 -8.71 -6.85
C ILE A 36 -12.47 -7.24 -7.18
N LEU A 37 -12.16 -6.96 -8.46
CA LEU A 37 -11.80 -5.65 -9.00
C LEU A 37 -12.27 -5.44 -10.46
ZN ZN B . -6.94 0.24 1.94
N GLY A 1 10.57 17.63 0.23
CA GLY A 1 11.89 17.20 0.73
C GLY A 1 11.84 15.80 1.33
N SER A 2 12.97 15.09 1.33
CA SER A 2 13.07 13.68 1.74
C SER A 2 12.75 13.41 3.21
N SER A 3 12.83 14.43 4.07
CA SER A 3 12.41 14.38 5.49
C SER A 3 10.89 14.34 5.66
N GLY A 4 10.12 14.91 4.72
CA GLY A 4 8.66 14.88 4.69
C GLY A 4 8.08 13.74 3.82
N SER A 5 8.78 13.36 2.76
CA SER A 5 8.36 12.32 1.80
C SER A 5 9.38 11.18 1.71
N SER A 6 9.08 10.07 2.40
CA SER A 6 9.94 8.86 2.43
C SER A 6 9.92 8.08 1.10
N GLY A 7 11.03 7.42 0.78
CA GLY A 7 11.16 6.56 -0.41
C GLY A 7 10.42 5.22 -0.32
N HIS A 8 10.24 4.57 -1.47
CA HIS A 8 9.66 3.23 -1.66
C HIS A 8 8.30 2.95 -0.97
N LEU A 9 7.50 4.00 -0.77
CA LEU A 9 6.11 3.90 -0.32
C LEU A 9 5.16 3.58 -1.47
N TYR A 10 4.20 2.70 -1.19
CA TYR A 10 3.09 2.32 -2.06
C TYR A 10 1.75 2.59 -1.33
N TYR A 11 0.70 2.92 -2.08
CA TYR A 11 -0.57 3.42 -1.53
C TYR A 11 -1.77 2.59 -2.00
N CYS A 12 -2.68 2.29 -1.07
CA CYS A 12 -3.92 1.54 -1.31
C CYS A 12 -4.85 2.29 -2.27
N SER A 13 -5.28 1.63 -3.35
CA SER A 13 -6.23 2.19 -4.32
C SER A 13 -7.66 2.31 -3.74
N GLN A 14 -7.93 1.65 -2.61
CA GLN A 14 -9.26 1.60 -1.96
C GLN A 14 -9.42 2.64 -0.85
N CYS A 15 -8.36 2.96 -0.09
CA CYS A 15 -8.42 3.83 1.10
C CYS A 15 -7.20 4.77 1.31
N HIS A 16 -6.23 4.78 0.39
CA HIS A 16 -4.98 5.56 0.43
C HIS A 16 -4.04 5.29 1.63
N TYR A 17 -4.24 4.18 2.35
CA TYR A 17 -3.28 3.65 3.35
C TYR A 17 -1.90 3.42 2.71
N SER A 18 -0.83 3.83 3.38
CA SER A 18 0.55 3.73 2.88
C SER A 18 1.35 2.59 3.54
N SER A 19 2.18 1.90 2.75
CA SER A 19 3.09 0.85 3.22
C SER A 19 4.42 0.87 2.46
N ILE A 20 5.50 0.37 3.08
CA ILE A 20 6.81 0.20 2.44
C ILE A 20 6.80 -1.04 1.54
N THR A 21 7.10 -0.85 0.24
CA THR A 21 6.94 -1.84 -0.84
C THR A 21 5.49 -2.30 -1.10
N LYS A 22 5.23 -2.77 -2.33
CA LYS A 22 3.93 -3.35 -2.72
C LYS A 22 3.64 -4.68 -2.00
N ASN A 23 4.68 -5.42 -1.60
CA ASN A 23 4.55 -6.73 -0.94
C ASN A 23 3.92 -6.61 0.47
N CYS A 24 4.23 -5.55 1.21
CA CYS A 24 3.58 -5.25 2.49
C CYS A 24 2.17 -4.66 2.28
N LEU A 25 1.98 -3.80 1.26
CA LEU A 25 0.67 -3.26 0.90
C LEU A 25 -0.35 -4.35 0.52
N LYS A 26 0.08 -5.41 -0.19
CA LYS A 26 -0.83 -6.49 -0.60
C LYS A 26 -1.45 -7.22 0.59
N ARG A 27 -0.74 -7.35 1.71
CA ARG A 27 -1.26 -7.91 2.98
C ARG A 27 -2.33 -7.02 3.63
N HIS A 28 -2.26 -5.69 3.47
CA HIS A 28 -3.35 -4.79 3.85
C HIS A 28 -4.58 -5.02 2.96
N VAL A 29 -4.39 -5.11 1.63
CA VAL A 29 -5.50 -5.35 0.68
C VAL A 29 -6.21 -6.68 0.96
N ILE A 30 -5.45 -7.76 1.20
CA ILE A 30 -5.96 -9.09 1.56
C ILE A 30 -6.82 -9.06 2.83
N GLN A 31 -6.41 -8.33 3.86
CA GLN A 31 -7.07 -8.32 5.17
C GLN A 31 -8.24 -7.31 5.29
N LYS A 32 -8.17 -6.17 4.59
CA LYS A 32 -9.10 -5.03 4.77
C LYS A 32 -10.12 -4.85 3.64
N HIS A 33 -9.88 -5.40 2.45
CA HIS A 33 -10.70 -5.17 1.26
C HIS A 33 -11.09 -6.48 0.53
N SER A 34 -12.09 -6.40 -0.36
CA SER A 34 -12.69 -7.54 -1.06
C SER A 34 -12.03 -7.91 -2.40
N ASN A 35 -11.23 -7.01 -2.98
CA ASN A 35 -10.55 -7.21 -4.27
C ASN A 35 -9.31 -8.11 -4.16
N ILE A 36 -9.15 -9.03 -5.11
CA ILE A 36 -7.99 -9.95 -5.19
C ILE A 36 -6.77 -9.34 -5.89
N LEU A 37 -6.96 -8.25 -6.62
CA LEU A 37 -6.00 -7.52 -7.44
C LEU A 37 -6.04 -6.02 -7.11
ZN ZN B . -6.86 0.00 1.94
N GLY A 1 11.16 21.17 -12.37
CA GLY A 1 10.10 20.54 -13.18
C GLY A 1 10.51 19.16 -13.67
N SER A 2 9.54 18.28 -13.93
CA SER A 2 9.75 16.87 -14.31
C SER A 2 10.64 16.09 -13.31
N SER A 3 10.44 16.37 -12.01
CA SER A 3 11.28 15.93 -10.89
C SER A 3 10.47 15.56 -9.64
N GLY A 4 11.05 14.72 -8.77
CA GLY A 4 10.42 14.26 -7.53
C GLY A 4 9.29 13.23 -7.75
N SER A 5 8.31 13.21 -6.83
CA SER A 5 7.13 12.33 -6.85
C SER A 5 7.45 10.82 -6.90
N SER A 6 8.51 10.41 -6.21
CA SER A 6 8.98 9.00 -6.13
C SER A 6 9.49 8.63 -4.72
N GLY A 7 9.53 7.34 -4.41
CA GLY A 7 9.97 6.79 -3.12
C GLY A 7 9.66 5.29 -2.95
N HIS A 8 9.96 4.76 -1.76
CA HIS A 8 9.75 3.33 -1.42
C HIS A 8 8.34 3.01 -0.87
N LEU A 9 7.51 4.04 -0.65
CA LEU A 9 6.12 3.94 -0.23
C LEU A 9 5.18 3.62 -1.43
N TYR A 10 4.19 2.77 -1.17
CA TYR A 10 3.10 2.43 -2.09
C TYR A 10 1.75 2.65 -1.38
N TYR A 11 0.83 3.35 -2.05
CA TYR A 11 -0.51 3.65 -1.54
C TYR A 11 -1.52 2.55 -1.90
N CYS A 12 -2.48 2.31 -1.01
CA CYS A 12 -3.57 1.34 -1.16
C CYS A 12 -4.40 1.58 -2.44
N SER A 13 -4.86 0.49 -3.05
CA SER A 13 -5.72 0.50 -4.24
C SER A 13 -7.17 0.90 -3.93
N GLN A 14 -7.57 0.92 -2.65
CA GLN A 14 -8.98 1.08 -2.23
C GLN A 14 -9.22 2.08 -1.08
N CYS A 15 -8.17 2.59 -0.41
CA CYS A 15 -8.25 3.66 0.59
C CYS A 15 -7.00 4.57 0.61
N HIS A 16 -6.88 5.39 1.65
CA HIS A 16 -5.79 6.37 1.83
C HIS A 16 -4.53 5.82 2.54
N TYR A 17 -4.52 4.54 2.92
CA TYR A 17 -3.37 3.87 3.57
C TYR A 17 -2.13 3.82 2.65
N SER A 18 -0.94 3.75 3.24
CA SER A 18 0.34 3.61 2.55
C SER A 18 1.36 2.80 3.37
N SER A 19 2.17 1.98 2.70
CA SER A 19 3.23 1.16 3.32
C SER A 19 4.48 1.05 2.44
N ILE A 20 5.64 0.73 3.04
CA ILE A 20 6.87 0.45 2.32
C ILE A 20 6.73 -0.87 1.53
N THR A 21 7.07 -0.83 0.24
CA THR A 21 6.89 -1.88 -0.79
C THR A 21 5.46 -2.43 -0.99
N LYS A 22 5.07 -2.57 -2.26
CA LYS A 22 3.86 -3.26 -2.72
C LYS A 22 3.74 -4.70 -2.19
N ASN A 23 4.88 -5.37 -1.95
CA ASN A 23 4.92 -6.73 -1.41
C ASN A 23 4.36 -6.84 0.02
N CYS A 24 4.51 -5.78 0.83
CA CYS A 24 3.95 -5.70 2.18
C CYS A 24 2.54 -5.09 2.18
N LEU A 25 2.27 -4.12 1.29
CA LEU A 25 0.96 -3.48 1.10
C LEU A 25 -0.14 -4.48 0.70
N LYS A 26 0.18 -5.50 -0.10
CA LYS A 26 -0.78 -6.50 -0.60
C LYS A 26 -1.61 -7.14 0.52
N ARG A 27 -0.99 -7.37 1.69
CA ARG A 27 -1.63 -7.93 2.90
C ARG A 27 -2.76 -7.05 3.44
N HIS A 28 -2.59 -5.72 3.43
CA HIS A 28 -3.63 -4.76 3.79
C HIS A 28 -4.83 -4.85 2.82
N VAL A 29 -4.58 -4.96 1.52
CA VAL A 29 -5.63 -5.06 0.50
C VAL A 29 -6.39 -6.39 0.60
N ILE A 30 -5.69 -7.49 0.94
CA ILE A 30 -6.30 -8.81 1.22
C ILE A 30 -7.17 -8.76 2.49
N GLN A 31 -6.68 -8.16 3.58
CA GLN A 31 -7.33 -8.25 4.90
C GLN A 31 -8.42 -7.18 5.13
N LYS A 32 -8.14 -5.92 4.80
CA LYS A 32 -9.01 -4.77 5.13
C LYS A 32 -10.10 -4.50 4.08
N HIS A 33 -9.92 -4.97 2.85
CA HIS A 33 -10.84 -4.76 1.73
C HIS A 33 -11.29 -6.10 1.10
N SER A 34 -12.24 -6.03 0.15
CA SER A 34 -12.92 -7.20 -0.45
C SER A 34 -12.09 -8.03 -1.44
N ASN A 35 -10.78 -7.82 -1.52
CA ASN A 35 -9.87 -8.48 -2.47
C ASN A 35 -9.46 -9.91 -2.01
N ILE A 36 -10.46 -10.74 -1.69
CA ILE A 36 -10.30 -12.14 -1.27
C ILE A 36 -10.31 -13.14 -2.44
N LEU A 37 -10.83 -12.70 -3.60
CA LEU A 37 -10.97 -13.48 -4.84
C LEU A 37 -9.66 -13.55 -5.65
ZN ZN B . -6.75 0.21 2.02
N GLY A 1 20.94 -1.37 4.37
CA GLY A 1 20.90 -0.07 3.67
C GLY A 1 20.85 1.10 4.65
N SER A 2 20.33 2.25 4.20
CA SER A 2 20.21 3.47 5.00
C SER A 2 19.21 3.35 6.15
N SER A 3 19.45 4.07 7.25
CA SER A 3 18.56 4.13 8.42
C SER A 3 17.32 5.01 8.16
N GLY A 4 17.47 6.12 7.45
CA GLY A 4 16.38 6.96 6.94
C GLY A 4 15.79 6.43 5.63
N SER A 5 14.53 6.75 5.35
CA SER A 5 13.82 6.40 4.10
C SER A 5 14.24 7.28 2.91
N SER A 6 14.07 6.76 1.70
CA SER A 6 14.47 7.41 0.43
C SER A 6 13.38 7.41 -0.66
N GLY A 7 12.20 6.88 -0.36
CA GLY A 7 11.09 6.62 -1.30
C GLY A 7 10.33 5.38 -0.86
N HIS A 8 10.27 4.37 -1.74
CA HIS A 8 9.82 2.98 -1.49
C HIS A 8 8.43 2.77 -0.81
N LEU A 9 7.61 3.80 -0.72
CA LEU A 9 6.21 3.76 -0.27
C LEU A 9 5.26 3.45 -1.42
N TYR A 10 4.26 2.61 -1.15
CA TYR A 10 3.18 2.22 -2.08
C TYR A 10 1.82 2.51 -1.43
N TYR A 11 0.87 3.00 -2.22
CA TYR A 11 -0.41 3.54 -1.77
C TYR A 11 -1.60 2.66 -2.21
N CYS A 12 -2.58 2.50 -1.31
CA CYS A 12 -3.74 1.63 -1.49
C CYS A 12 -4.65 2.05 -2.67
N SER A 13 -5.29 1.05 -3.29
CA SER A 13 -6.25 1.21 -4.38
C SER A 13 -7.68 1.50 -3.92
N GLN A 14 -7.98 1.31 -2.62
CA GLN A 14 -9.36 1.41 -2.07
C GLN A 14 -9.49 2.33 -0.84
N CYS A 15 -8.37 2.79 -0.24
CA CYS A 15 -8.35 3.79 0.83
C CYS A 15 -7.09 4.69 0.80
N HIS A 16 -6.90 5.51 1.83
CA HIS A 16 -5.79 6.47 1.96
C HIS A 16 -4.48 5.85 2.52
N TYR A 17 -4.50 4.56 2.88
CA TYR A 17 -3.35 3.86 3.48
C TYR A 17 -2.12 3.78 2.56
N SER A 18 -0.93 3.73 3.16
CA SER A 18 0.34 3.44 2.48
C SER A 18 1.32 2.67 3.37
N SER A 19 2.19 1.87 2.76
CA SER A 19 3.24 1.08 3.42
C SER A 19 4.49 0.92 2.54
N ILE A 20 5.60 0.50 3.16
CA ILE A 20 6.86 0.23 2.44
C ILE A 20 6.79 -1.09 1.65
N THR A 21 7.17 -1.03 0.37
CA THR A 21 7.00 -2.09 -0.65
C THR A 21 5.55 -2.48 -0.97
N LYS A 22 5.29 -2.85 -2.23
CA LYS A 22 4.00 -3.43 -2.65
C LYS A 22 3.69 -4.80 -2.01
N ASN A 23 4.69 -5.51 -1.53
CA ASN A 23 4.53 -6.79 -0.81
C ASN A 23 3.83 -6.60 0.55
N CYS A 24 4.13 -5.51 1.27
CA CYS A 24 3.41 -5.14 2.49
C CYS A 24 1.98 -4.66 2.18
N LEU A 25 1.83 -3.83 1.12
CA LEU A 25 0.52 -3.32 0.69
C LEU A 25 -0.44 -4.43 0.25
N LYS A 26 0.06 -5.48 -0.41
CA LYS A 26 -0.72 -6.67 -0.79
C LYS A 26 -1.42 -7.31 0.42
N ARG A 27 -0.73 -7.42 1.56
CA ARG A 27 -1.32 -7.94 2.82
C ARG A 27 -2.38 -7.01 3.41
N HIS A 28 -2.19 -5.69 3.34
CA HIS A 28 -3.25 -4.72 3.68
C HIS A 28 -4.50 -4.92 2.81
N VAL A 29 -4.35 -5.05 1.50
CA VAL A 29 -5.49 -5.27 0.58
C VAL A 29 -6.19 -6.60 0.86
N ILE A 30 -5.45 -7.68 1.13
CA ILE A 30 -6.01 -8.99 1.51
C ILE A 30 -6.80 -8.91 2.82
N GLN A 31 -6.30 -8.22 3.84
CA GLN A 31 -6.89 -8.18 5.18
C GLN A 31 -8.04 -7.16 5.34
N LYS A 32 -8.00 -6.03 4.62
CA LYS A 32 -8.92 -4.89 4.83
C LYS A 32 -9.95 -4.67 3.71
N HIS A 33 -9.77 -5.25 2.53
CA HIS A 33 -10.57 -4.98 1.33
C HIS A 33 -10.99 -6.25 0.56
N SER A 34 -11.94 -6.09 -0.37
CA SER A 34 -12.43 -7.14 -1.30
C SER A 34 -12.93 -8.44 -0.63
N ASN A 35 -13.33 -8.36 0.64
CA ASN A 35 -13.65 -9.50 1.52
C ASN A 35 -15.15 -9.90 1.51
N ILE A 36 -15.88 -9.53 0.46
CA ILE A 36 -17.31 -9.84 0.27
C ILE A 36 -17.56 -11.31 -0.12
N LEU A 37 -18.81 -11.77 0.04
CA LEU A 37 -19.30 -13.12 -0.22
C LEU A 37 -20.56 -13.13 -1.11
ZN ZN B . -6.66 0.18 1.80
N GLY A 1 25.99 5.49 6.84
CA GLY A 1 24.75 6.20 7.22
C GLY A 1 24.00 5.48 8.33
N SER A 2 22.71 5.80 8.50
CA SER A 2 21.82 5.17 9.49
C SER A 2 21.25 3.82 9.03
N SER A 3 20.62 3.08 9.94
CA SER A 3 20.03 1.75 9.72
C SER A 3 18.64 1.77 9.04
N GLY A 4 18.14 2.95 8.62
CA GLY A 4 16.83 3.12 7.97
C GLY A 4 16.73 2.46 6.59
N SER A 5 15.51 2.08 6.20
CA SER A 5 15.23 1.40 4.92
C SER A 5 15.32 2.35 3.72
N SER A 6 15.79 1.83 2.58
CA SER A 6 15.81 2.48 1.26
C SER A 6 14.57 2.17 0.41
N GLY A 7 13.64 1.33 0.90
CA GLY A 7 12.41 0.94 0.18
C GLY A 7 11.44 2.09 -0.07
N HIS A 8 10.71 2.02 -1.19
CA HIS A 8 9.73 3.04 -1.61
C HIS A 8 8.35 2.81 -0.97
N LEU A 9 7.57 3.89 -0.81
CA LEU A 9 6.16 3.83 -0.41
C LEU A 9 5.25 3.47 -1.59
N TYR A 10 4.26 2.62 -1.32
CA TYR A 10 3.17 2.24 -2.22
C TYR A 10 1.83 2.55 -1.54
N TYR A 11 0.83 2.98 -2.32
CA TYR A 11 -0.44 3.53 -1.83
C TYR A 11 -1.64 2.66 -2.24
N CYS A 12 -2.61 2.50 -1.34
CA CYS A 12 -3.80 1.67 -1.52
C CYS A 12 -4.69 2.12 -2.70
N SER A 13 -5.37 1.15 -3.31
CA SER A 13 -6.33 1.34 -4.40
C SER A 13 -7.74 1.72 -3.92
N GLN A 14 -8.04 1.51 -2.63
CA GLN A 14 -9.40 1.60 -2.07
C GLN A 14 -9.53 2.48 -0.81
N CYS A 15 -8.42 2.92 -0.22
CA CYS A 15 -8.39 3.87 0.91
C CYS A 15 -7.12 4.76 0.90
N HIS A 16 -6.91 5.53 1.96
CA HIS A 16 -5.80 6.48 2.13
C HIS A 16 -4.49 5.82 2.65
N TYR A 17 -4.51 4.50 2.94
CA TYR A 17 -3.37 3.77 3.49
C TYR A 17 -2.15 3.72 2.53
N SER A 18 -0.95 3.61 3.12
CA SER A 18 0.31 3.34 2.40
C SER A 18 1.27 2.47 3.22
N SER A 19 2.16 1.75 2.52
CA SER A 19 3.16 0.86 3.13
C SER A 19 4.48 0.89 2.36
N ILE A 20 5.60 0.58 3.04
CA ILE A 20 6.92 0.44 2.40
C ILE A 20 6.99 -0.93 1.71
N THR A 21 7.29 -0.93 0.41
CA THR A 21 7.30 -2.09 -0.51
C THR A 21 5.91 -2.72 -0.74
N LYS A 22 5.56 -2.98 -2.00
CA LYS A 22 4.24 -3.51 -2.41
C LYS A 22 3.87 -4.88 -1.82
N ASN A 23 4.86 -5.68 -1.41
CA ASN A 23 4.68 -6.94 -0.69
C ASN A 23 4.00 -6.78 0.69
N CYS A 24 4.11 -5.59 1.31
CA CYS A 24 3.38 -5.25 2.53
C CYS A 24 2.02 -4.58 2.24
N LEU A 25 1.91 -3.81 1.15
CA LEU A 25 0.64 -3.23 0.71
C LEU A 25 -0.39 -4.30 0.31
N LYS A 26 0.01 -5.33 -0.43
CA LYS A 26 -0.91 -6.42 -0.83
C LYS A 26 -1.52 -7.14 0.38
N ARG A 27 -0.78 -7.26 1.50
CA ARG A 27 -1.26 -7.83 2.76
C ARG A 27 -2.39 -6.98 3.39
N HIS A 28 -2.29 -5.66 3.33
CA HIS A 28 -3.39 -4.75 3.70
C HIS A 28 -4.62 -4.97 2.80
N VAL A 29 -4.46 -5.07 1.48
CA VAL A 29 -5.57 -5.32 0.55
C VAL A 29 -6.25 -6.68 0.82
N ILE A 30 -5.46 -7.72 1.11
CA ILE A 30 -5.94 -9.07 1.46
C ILE A 30 -6.75 -9.07 2.78
N GLN A 31 -6.32 -8.29 3.77
CA GLN A 31 -6.92 -8.29 5.12
C GLN A 31 -8.08 -7.29 5.30
N LYS A 32 -8.05 -6.13 4.63
CA LYS A 32 -8.95 -4.99 4.88
C LYS A 32 -9.98 -4.72 3.77
N HIS A 33 -9.81 -5.26 2.57
CA HIS A 33 -10.65 -4.99 1.40
C HIS A 33 -11.14 -6.27 0.70
N SER A 34 -12.17 -6.14 -0.14
CA SER A 34 -12.79 -7.28 -0.85
C SER A 34 -11.82 -7.94 -1.83
N ASN A 35 -11.61 -9.25 -1.67
CA ASN A 35 -10.74 -10.09 -2.50
C ASN A 35 -11.23 -11.56 -2.53
N ILE A 36 -10.88 -12.29 -3.58
CA ILE A 36 -11.35 -13.66 -3.86
C ILE A 36 -10.21 -14.63 -4.21
N LEU A 37 -10.47 -15.94 -4.08
CA LEU A 37 -9.56 -17.06 -4.35
C LEU A 37 -10.16 -18.00 -5.42
ZN ZN B . -6.75 0.18 1.73
N GLY A 1 19.31 17.67 -5.86
CA GLY A 1 20.27 16.61 -6.23
C GLY A 1 19.60 15.49 -7.01
N SER A 2 20.31 14.88 -7.95
CA SER A 2 19.78 13.86 -8.88
C SER A 2 19.72 12.43 -8.30
N SER A 3 20.31 12.19 -7.12
CA SER A 3 20.39 10.87 -6.47
C SER A 3 19.02 10.32 -6.03
N GLY A 4 18.88 8.99 -6.04
CA GLY A 4 17.70 8.28 -5.55
C GLY A 4 17.55 8.27 -4.02
N SER A 5 16.41 7.78 -3.54
CA SER A 5 16.04 7.71 -2.10
C SER A 5 15.49 6.34 -1.71
N SER A 6 15.66 5.96 -0.44
CA SER A 6 15.31 4.63 0.09
C SER A 6 13.81 4.40 0.36
N GLY A 7 12.98 5.46 0.29
CA GLY A 7 11.54 5.43 0.57
C GLY A 7 10.71 4.75 -0.53
N HIS A 8 10.68 3.41 -0.52
CA HIS A 8 9.92 2.57 -1.46
C HIS A 8 8.45 2.43 -1.02
N LEU A 9 7.74 3.55 -0.93
CA LEU A 9 6.33 3.62 -0.52
C LEU A 9 5.37 3.22 -1.66
N TYR A 10 4.31 2.49 -1.31
CA TYR A 10 3.20 2.10 -2.18
C TYR A 10 1.86 2.45 -1.51
N TYR A 11 0.85 2.83 -2.31
CA TYR A 11 -0.42 3.41 -1.85
C TYR A 11 -1.64 2.59 -2.30
N CYS A 12 -2.66 2.50 -1.44
CA CYS A 12 -3.89 1.74 -1.67
C CYS A 12 -4.78 2.34 -2.78
N SER A 13 -5.57 1.47 -3.41
CA SER A 13 -6.54 1.79 -4.47
C SER A 13 -7.97 2.02 -3.94
N GLN A 14 -8.25 1.67 -2.69
CA GLN A 14 -9.60 1.77 -2.08
C GLN A 14 -9.67 2.63 -0.80
N CYS A 15 -8.53 2.97 -0.19
CA CYS A 15 -8.45 3.85 0.99
C CYS A 15 -7.18 4.72 0.99
N HIS A 16 -6.95 5.47 2.07
CA HIS A 16 -5.83 6.40 2.23
C HIS A 16 -4.52 5.73 2.72
N TYR A 17 -4.51 4.39 2.90
CA TYR A 17 -3.36 3.65 3.41
C TYR A 17 -2.14 3.68 2.48
N SER A 18 -0.95 3.68 3.07
CA SER A 18 0.34 3.47 2.39
C SER A 18 1.37 2.82 3.31
N SER A 19 2.29 2.04 2.72
CA SER A 19 3.42 1.43 3.44
C SER A 19 4.62 1.15 2.53
N ILE A 20 5.77 0.82 3.13
CA ILE A 20 7.00 0.43 2.42
C ILE A 20 6.81 -0.99 1.82
N THR A 21 7.28 -1.18 0.59
CA THR A 21 7.13 -2.36 -0.30
C THR A 21 5.70 -2.78 -0.63
N LYS A 22 5.49 -3.16 -1.89
CA LYS A 22 4.20 -3.64 -2.43
C LYS A 22 3.76 -4.97 -1.77
N ASN A 23 4.69 -5.75 -1.20
CA ASN A 23 4.35 -6.94 -0.40
C ASN A 23 3.50 -6.60 0.83
N CYS A 24 3.81 -5.47 1.51
CA CYS A 24 3.02 -5.00 2.65
C CYS A 24 1.66 -4.44 2.20
N LEU A 25 1.63 -3.71 1.08
CA LEU A 25 0.39 -3.22 0.48
C LEU A 25 -0.55 -4.37 0.05
N LYS A 26 -0.02 -5.43 -0.57
CA LYS A 26 -0.78 -6.63 -0.94
C LYS A 26 -1.41 -7.28 0.29
N ARG A 27 -0.65 -7.39 1.39
CA ARG A 27 -1.14 -7.91 2.68
C ARG A 27 -2.24 -7.01 3.30
N HIS A 28 -2.14 -5.68 3.17
CA HIS A 28 -3.22 -4.75 3.51
C HIS A 28 -4.47 -5.00 2.67
N VAL A 29 -4.35 -5.12 1.34
CA VAL A 29 -5.49 -5.38 0.44
C VAL A 29 -6.16 -6.71 0.76
N ILE A 30 -5.39 -7.77 1.08
CA ILE A 30 -5.92 -9.06 1.55
C ILE A 30 -6.67 -8.90 2.88
N GLN A 31 -6.08 -8.23 3.86
CA GLN A 31 -6.61 -8.15 5.23
C GLN A 31 -7.81 -7.20 5.38
N LYS A 32 -7.84 -6.08 4.64
CA LYS A 32 -8.82 -4.99 4.80
C LYS A 32 -9.87 -4.89 3.69
N HIS A 33 -9.56 -5.39 2.49
CA HIS A 33 -10.43 -5.29 1.30
C HIS A 33 -10.77 -6.65 0.64
N SER A 34 -10.07 -7.73 1.03
CA SER A 34 -10.18 -9.10 0.50
C SER A 34 -10.26 -9.24 -1.04
N ASN A 35 -9.63 -8.28 -1.75
CA ASN A 35 -9.66 -8.11 -3.21
C ASN A 35 -11.09 -8.01 -3.82
N ILE A 36 -12.07 -7.53 -3.04
CA ILE A 36 -13.44 -7.26 -3.49
C ILE A 36 -13.54 -5.85 -4.11
N LEU A 37 -14.36 -5.71 -5.17
CA LEU A 37 -14.65 -4.44 -5.87
C LEU A 37 -16.11 -4.36 -6.39
ZN ZN B . -6.78 0.09 1.57
N GLY A 1 2.97 22.27 1.19
CA GLY A 1 2.41 22.97 0.01
C GLY A 1 2.06 21.99 -1.11
N SER A 2 1.07 22.32 -1.93
CA SER A 2 0.55 21.47 -3.02
C SER A 2 1.53 21.21 -4.16
N SER A 3 2.60 22.01 -4.27
CA SER A 3 3.73 21.82 -5.20
C SER A 3 4.74 20.74 -4.75
N GLY A 4 4.62 20.21 -3.53
CA GLY A 4 5.48 19.16 -2.98
C GLY A 4 5.29 17.78 -3.62
N SER A 5 6.20 16.84 -3.28
CA SER A 5 6.21 15.46 -3.77
C SER A 5 6.71 14.47 -2.70
N SER A 6 6.50 13.17 -2.91
CA SER A 6 6.87 12.08 -1.98
C SER A 6 7.27 10.79 -2.74
N GLY A 7 7.81 9.81 -2.01
CA GLY A 7 8.31 8.54 -2.56
C GLY A 7 8.61 7.49 -1.48
N HIS A 8 9.26 6.39 -1.89
CA HIS A 8 9.61 5.24 -1.05
C HIS A 8 8.40 4.54 -0.37
N LEU A 9 7.19 4.74 -0.92
CA LEU A 9 5.92 4.21 -0.43
C LEU A 9 5.02 3.74 -1.58
N TYR A 10 4.20 2.73 -1.31
CA TYR A 10 3.13 2.23 -2.17
C TYR A 10 1.77 2.51 -1.51
N TYR A 11 0.78 2.92 -2.31
CA TYR A 11 -0.51 3.44 -1.83
C TYR A 11 -1.69 2.53 -2.21
N CYS A 12 -2.66 2.40 -1.30
CA CYS A 12 -3.86 1.59 -1.48
C CYS A 12 -4.75 2.07 -2.65
N SER A 13 -5.47 1.13 -3.26
CA SER A 13 -6.43 1.36 -4.35
C SER A 13 -7.84 1.69 -3.88
N GLN A 14 -8.15 1.51 -2.58
CA GLN A 14 -9.50 1.70 -2.00
C GLN A 14 -9.55 2.63 -0.78
N CYS A 15 -8.43 2.97 -0.15
CA CYS A 15 -8.36 3.91 0.98
C CYS A 15 -7.06 4.76 0.99
N HIS A 16 -6.85 5.52 2.07
CA HIS A 16 -5.73 6.45 2.24
C HIS A 16 -4.42 5.77 2.74
N TYR A 17 -4.45 4.46 3.00
CA TYR A 17 -3.30 3.70 3.52
C TYR A 17 -2.10 3.68 2.56
N SER A 18 -0.89 3.66 3.13
CA SER A 18 0.37 3.42 2.40
C SER A 18 1.42 2.70 3.26
N SER A 19 2.32 1.96 2.60
CA SER A 19 3.41 1.21 3.25
C SER A 19 4.67 1.11 2.38
N ILE A 20 5.81 0.76 3.02
CA ILE A 20 7.06 0.44 2.33
C ILE A 20 6.98 -0.98 1.76
N THR A 21 7.42 -1.16 0.49
CA THR A 21 7.37 -2.39 -0.30
C THR A 21 5.95 -2.89 -0.64
N LYS A 22 5.66 -3.09 -1.93
CA LYS A 22 4.32 -3.46 -2.43
C LYS A 22 3.82 -4.82 -1.94
N ASN A 23 4.73 -5.75 -1.62
CA ASN A 23 4.40 -7.04 -1.00
C ASN A 23 3.81 -6.91 0.42
N CYS A 24 4.08 -5.79 1.12
CA CYS A 24 3.43 -5.46 2.40
C CYS A 24 2.05 -4.82 2.18
N LEU A 25 1.91 -3.93 1.19
CA LEU A 25 0.63 -3.36 0.76
C LEU A 25 -0.36 -4.45 0.31
N LYS A 26 0.12 -5.50 -0.37
CA LYS A 26 -0.66 -6.68 -0.75
C LYS A 26 -1.45 -7.25 0.43
N ARG A 27 -0.80 -7.42 1.60
CA ARG A 27 -1.43 -7.96 2.82
C ARG A 27 -2.50 -7.03 3.41
N HIS A 28 -2.33 -5.71 3.31
CA HIS A 28 -3.40 -4.75 3.64
C HIS A 28 -4.64 -4.96 2.74
N VAL A 29 -4.44 -5.20 1.45
CA VAL A 29 -5.54 -5.50 0.51
C VAL A 29 -6.23 -6.83 0.87
N ILE A 30 -5.49 -7.87 1.29
CA ILE A 30 -6.10 -9.12 1.81
C ILE A 30 -6.92 -8.84 3.08
N GLN A 31 -6.37 -8.06 4.02
CA GLN A 31 -6.95 -7.87 5.35
C GLN A 31 -8.18 -6.94 5.36
N LYS A 32 -8.16 -5.86 4.57
CA LYS A 32 -9.18 -4.79 4.58
C LYS A 32 -10.09 -4.73 3.35
N HIS A 33 -9.66 -5.32 2.23
CA HIS A 33 -10.30 -5.18 0.91
C HIS A 33 -10.48 -6.54 0.18
N SER A 34 -10.78 -7.60 0.93
CA SER A 34 -10.93 -8.98 0.42
C SER A 34 -12.00 -9.16 -0.67
N ASN A 35 -13.00 -8.28 -0.72
CA ASN A 35 -14.01 -8.22 -1.78
C ASN A 35 -13.45 -7.49 -3.03
N ILE A 36 -12.50 -8.13 -3.72
CA ILE A 36 -11.80 -7.63 -4.90
C ILE A 36 -11.74 -8.71 -6.01
N LEU A 37 -11.85 -8.29 -7.27
CA LEU A 37 -11.89 -9.14 -8.47
C LEU A 37 -10.53 -9.15 -9.20
ZN ZN B . -6.81 0.16 1.79
N GLY A 1 -0.02 27.48 0.25
CA GLY A 1 0.47 26.09 0.41
C GLY A 1 1.48 25.72 -0.67
N SER A 2 1.61 24.41 -0.95
CA SER A 2 2.50 23.86 -1.99
C SER A 2 1.92 22.58 -2.62
N SER A 3 2.26 22.33 -3.89
CA SER A 3 1.93 21.09 -4.62
C SER A 3 2.97 19.97 -4.42
N GLY A 4 4.11 20.26 -3.80
CA GLY A 4 5.19 19.30 -3.52
C GLY A 4 4.86 18.32 -2.38
N SER A 5 5.41 17.10 -2.48
CA SER A 5 5.23 16.00 -1.49
C SER A 5 6.54 15.24 -1.27
N SER A 6 6.76 14.76 -0.03
CA SER A 6 7.98 14.05 0.40
C SER A 6 7.83 12.51 0.48
N GLY A 7 6.60 11.99 0.37
CA GLY A 7 6.30 10.55 0.47
C GLY A 7 6.83 9.72 -0.71
N HIS A 8 7.27 8.50 -0.43
CA HIS A 8 7.84 7.55 -1.41
C HIS A 8 7.29 6.10 -1.27
N LEU A 9 6.23 5.93 -0.47
CA LEU A 9 5.57 4.64 -0.21
C LEU A 9 4.59 4.26 -1.34
N TYR A 10 4.23 2.98 -1.43
CA TYR A 10 3.17 2.48 -2.29
C TYR A 10 1.80 2.68 -1.61
N TYR A 11 0.85 3.32 -2.30
CA TYR A 11 -0.48 3.65 -1.76
C TYR A 11 -1.57 2.66 -2.22
N CYS A 12 -2.55 2.43 -1.33
CA CYS A 12 -3.73 1.61 -1.57
C CYS A 12 -4.62 2.16 -2.70
N SER A 13 -5.27 1.26 -3.43
CA SER A 13 -6.23 1.57 -4.50
C SER A 13 -7.64 1.89 -3.97
N GLN A 14 -7.91 1.61 -2.70
CA GLN A 14 -9.27 1.66 -2.11
C GLN A 14 -9.39 2.53 -0.84
N CYS A 15 -8.27 2.94 -0.22
CA CYS A 15 -8.23 3.86 0.93
C CYS A 15 -6.92 4.70 0.95
N HIS A 16 -6.70 5.43 2.05
CA HIS A 16 -5.56 6.34 2.24
C HIS A 16 -4.28 5.64 2.77
N TYR A 17 -4.34 4.32 3.03
CA TYR A 17 -3.20 3.53 3.53
C TYR A 17 -2.01 3.50 2.55
N SER A 18 -0.79 3.37 3.10
CA SER A 18 0.45 3.20 2.32
C SER A 18 1.49 2.33 3.04
N SER A 19 2.41 1.74 2.27
CA SER A 19 3.44 0.81 2.75
C SER A 19 4.78 0.91 2.02
N ILE A 20 5.85 0.50 2.71
CA ILE A 20 7.18 0.27 2.12
C ILE A 20 7.14 -1.14 1.50
N THR A 21 7.56 -1.28 0.24
CA THR A 21 7.38 -2.47 -0.63
C THR A 21 5.89 -2.77 -0.95
N LYS A 22 5.67 -3.44 -2.10
CA LYS A 22 4.32 -3.90 -2.50
C LYS A 22 3.82 -5.09 -1.67
N ASN A 23 4.72 -5.89 -1.08
CA ASN A 23 4.36 -7.03 -0.24
C ASN A 23 3.57 -6.62 1.01
N CYS A 24 3.99 -5.53 1.67
CA CYS A 24 3.29 -4.95 2.82
C CYS A 24 1.93 -4.30 2.44
N LEU A 25 1.79 -3.85 1.18
CA LEU A 25 0.52 -3.36 0.64
C LEU A 25 -0.45 -4.49 0.27
N LYS A 26 0.03 -5.58 -0.33
CA LYS A 26 -0.81 -6.74 -0.71
C LYS A 26 -1.50 -7.38 0.49
N ARG A 27 -0.80 -7.55 1.62
CA ARG A 27 -1.41 -8.07 2.86
C ARG A 27 -2.48 -7.14 3.44
N HIS A 28 -2.34 -5.81 3.29
CA HIS A 28 -3.40 -4.86 3.63
C HIS A 28 -4.64 -5.03 2.74
N VAL A 29 -4.47 -5.13 1.42
CA VAL A 29 -5.59 -5.33 0.48
C VAL A 29 -6.33 -6.66 0.75
N ILE A 30 -5.59 -7.72 1.07
CA ILE A 30 -6.15 -9.02 1.49
C ILE A 30 -6.95 -8.87 2.81
N GLN A 31 -6.35 -8.29 3.85
CA GLN A 31 -6.96 -8.25 5.19
C GLN A 31 -8.10 -7.22 5.34
N LYS A 32 -8.06 -6.10 4.62
CA LYS A 32 -8.99 -4.96 4.80
C LYS A 32 -10.03 -4.79 3.70
N HIS A 33 -9.79 -5.30 2.49
CA HIS A 33 -10.66 -5.04 1.32
C HIS A 33 -11.15 -6.31 0.59
N SER A 34 -10.41 -7.43 0.66
CA SER A 34 -10.82 -8.70 0.04
C SER A 34 -11.84 -9.47 0.90
N ASN A 35 -12.74 -10.21 0.25
CA ASN A 35 -13.86 -10.90 0.90
C ASN A 35 -13.46 -12.27 1.51
N ILE A 36 -12.46 -12.26 2.39
CA ILE A 36 -11.87 -13.45 3.05
C ILE A 36 -12.10 -13.50 4.58
N LEU A 37 -12.83 -12.52 5.13
CA LEU A 37 -13.16 -12.40 6.57
C LEU A 37 -14.36 -13.29 6.98
ZN ZN B . -6.69 0.09 1.67
N GLY A 1 6.99 19.50 8.08
CA GLY A 1 7.09 20.63 7.13
C GLY A 1 7.61 20.19 5.78
N SER A 2 7.36 21.00 4.75
CA SER A 2 7.69 20.77 3.32
C SER A 2 7.01 19.54 2.68
N SER A 3 7.04 19.48 1.34
CA SER A 3 6.47 18.39 0.53
C SER A 3 7.45 17.22 0.30
N GLY A 4 6.98 16.14 -0.31
CA GLY A 4 7.75 14.93 -0.61
C GLY A 4 7.78 13.89 0.52
N SER A 5 8.34 12.72 0.23
CA SER A 5 8.42 11.54 1.11
C SER A 5 9.68 10.70 0.84
N SER A 6 9.97 9.74 1.73
CA SER A 6 11.16 8.86 1.67
C SER A 6 10.80 7.37 1.78
N GLY A 7 11.72 6.50 1.32
CA GLY A 7 11.53 5.04 1.24
C GLY A 7 10.67 4.59 0.05
N HIS A 8 10.61 3.27 -0.16
CA HIS A 8 9.90 2.63 -1.28
C HIS A 8 8.40 2.49 -1.01
N LEU A 9 7.70 3.62 -0.84
CA LEU A 9 6.28 3.70 -0.51
C LEU A 9 5.37 3.29 -1.68
N TYR A 10 4.32 2.54 -1.36
CA TYR A 10 3.18 2.19 -2.23
C TYR A 10 1.86 2.57 -1.53
N TYR A 11 0.84 2.93 -2.31
CA TYR A 11 -0.42 3.53 -1.83
C TYR A 11 -1.64 2.71 -2.29
N CYS A 12 -2.65 2.60 -1.42
CA CYS A 12 -3.87 1.82 -1.65
C CYS A 12 -4.76 2.41 -2.76
N SER A 13 -5.53 1.52 -3.39
CA SER A 13 -6.49 1.83 -4.45
C SER A 13 -7.90 2.14 -3.90
N GLN A 14 -8.23 1.64 -2.69
CA GLN A 14 -9.59 1.72 -2.11
C GLN A 14 -9.67 2.58 -0.83
N CYS A 15 -8.54 2.96 -0.22
CA CYS A 15 -8.47 3.85 0.94
C CYS A 15 -7.18 4.72 0.94
N HIS A 16 -6.95 5.45 2.03
CA HIS A 16 -5.83 6.37 2.21
C HIS A 16 -4.53 5.71 2.73
N TYR A 17 -4.52 4.39 2.93
CA TYR A 17 -3.37 3.64 3.45
C TYR A 17 -2.13 3.68 2.52
N SER A 18 -0.94 3.64 3.12
CA SER A 18 0.34 3.46 2.44
C SER A 18 1.35 2.66 3.28
N SER A 19 2.26 1.96 2.60
CA SER A 19 3.31 1.13 3.22
C SER A 19 4.57 1.06 2.36
N ILE A 20 5.74 0.86 2.98
CA ILE A 20 6.98 0.54 2.25
C ILE A 20 6.98 -0.91 1.75
N THR A 21 7.41 -1.11 0.50
CA THR A 21 7.37 -2.37 -0.28
C THR A 21 5.94 -2.87 -0.57
N LYS A 22 5.66 -3.19 -1.85
CA LYS A 22 4.32 -3.57 -2.34
C LYS A 22 3.76 -4.86 -1.75
N ASN A 23 4.60 -5.74 -1.19
CA ASN A 23 4.16 -6.93 -0.45
C ASN A 23 3.38 -6.56 0.84
N CYS A 24 3.76 -5.47 1.52
CA CYS A 24 3.02 -4.94 2.66
C CYS A 24 1.64 -4.42 2.23
N LEU A 25 1.56 -3.73 1.08
CA LEU A 25 0.31 -3.27 0.50
C LEU A 25 -0.60 -4.43 0.06
N LYS A 26 -0.03 -5.49 -0.53
CA LYS A 26 -0.78 -6.72 -0.85
C LYS A 26 -1.37 -7.35 0.41
N ARG A 27 -0.62 -7.43 1.51
CA ARG A 27 -1.13 -7.91 2.82
C ARG A 27 -2.19 -6.98 3.44
N HIS A 28 -2.16 -5.68 3.18
CA HIS A 28 -3.26 -4.77 3.53
C HIS A 28 -4.51 -5.06 2.68
N VAL A 29 -4.37 -5.21 1.36
CA VAL A 29 -5.48 -5.48 0.43
C VAL A 29 -6.13 -6.86 0.68
N ILE A 30 -5.35 -7.86 1.07
CA ILE A 30 -5.83 -9.18 1.52
C ILE A 30 -6.73 -9.06 2.76
N GLN A 31 -6.30 -8.31 3.79
CA GLN A 31 -6.95 -8.29 5.11
C GLN A 31 -8.07 -7.25 5.23
N LYS A 32 -7.85 -6.03 4.72
CA LYS A 32 -8.75 -4.87 4.88
C LYS A 32 -9.76 -4.71 3.74
N HIS A 33 -9.45 -5.26 2.56
CA HIS A 33 -10.31 -5.24 1.36
C HIS A 33 -10.67 -6.65 0.84
N SER A 34 -10.50 -7.68 1.70
CA SER A 34 -10.96 -9.07 1.53
C SER A 34 -10.62 -9.71 0.18
N ASN A 35 -9.45 -9.41 -0.39
CA ASN A 35 -9.04 -9.84 -1.74
C ASN A 35 -8.85 -11.37 -1.92
N ILE A 36 -8.86 -12.14 -0.82
CA ILE A 36 -8.82 -13.61 -0.81
C ILE A 36 -10.20 -14.30 -0.92
N LEU A 37 -11.31 -13.55 -0.89
CA LEU A 37 -12.69 -14.05 -0.91
C LEU A 37 -13.10 -14.60 -2.30
ZN ZN B . -6.77 0.11 1.54
N GLY A 1 5.00 25.29 -14.36
CA GLY A 1 4.83 24.64 -13.05
C GLY A 1 5.79 23.47 -12.88
N SER A 2 6.19 23.19 -11.63
CA SER A 2 7.08 22.07 -11.28
C SER A 2 6.37 20.71 -11.22
N SER A 3 7.14 19.62 -11.32
CA SER A 3 6.63 18.24 -11.31
C SER A 3 6.10 17.81 -9.93
N GLY A 4 5.14 16.87 -9.92
CA GLY A 4 4.59 16.26 -8.70
C GLY A 4 5.57 15.32 -7.98
N SER A 5 5.24 15.00 -6.72
CA SER A 5 6.06 14.15 -5.83
C SER A 5 5.21 13.33 -4.84
N SER A 6 5.83 12.35 -4.19
CA SER A 6 5.22 11.47 -3.17
C SER A 6 6.19 11.14 -2.03
N GLY A 7 5.74 10.39 -1.02
CA GLY A 7 6.58 9.83 0.05
C GLY A 7 7.44 8.62 -0.37
N HIS A 8 7.44 8.25 -1.66
CA HIS A 8 8.08 7.04 -2.20
C HIS A 8 7.58 5.71 -1.56
N LEU A 9 6.34 5.72 -1.06
CA LEU A 9 5.62 4.56 -0.53
C LEU A 9 4.78 3.88 -1.62
N TYR A 10 4.22 2.70 -1.30
CA TYR A 10 3.22 2.01 -2.09
C TYR A 10 1.83 2.33 -1.50
N TYR A 11 0.92 2.87 -2.32
CA TYR A 11 -0.37 3.43 -1.88
C TYR A 11 -1.55 2.54 -2.31
N CYS A 12 -2.56 2.42 -1.44
CA CYS A 12 -3.79 1.66 -1.69
C CYS A 12 -4.64 2.29 -2.81
N SER A 13 -5.31 1.42 -3.57
CA SER A 13 -6.24 1.80 -4.65
C SER A 13 -7.64 2.16 -4.15
N GLN A 14 -7.97 1.86 -2.88
CA GLN A 14 -9.33 1.95 -2.34
C GLN A 14 -9.47 2.75 -1.02
N CYS A 15 -8.35 3.05 -0.33
CA CYS A 15 -8.33 3.87 0.89
C CYS A 15 -7.04 4.71 1.02
N HIS A 16 -6.88 5.40 2.15
CA HIS A 16 -5.78 6.32 2.44
C HIS A 16 -4.46 5.62 2.85
N TYR A 17 -4.48 4.29 3.02
CA TYR A 17 -3.31 3.51 3.46
C TYR A 17 -2.12 3.59 2.49
N SER A 18 -0.90 3.64 3.05
CA SER A 18 0.35 3.49 2.32
C SER A 18 1.47 2.95 3.23
N SER A 19 2.41 2.18 2.66
CA SER A 19 3.54 1.59 3.39
C SER A 19 4.74 1.30 2.47
N ILE A 20 5.88 0.92 3.06
CA ILE A 20 7.05 0.40 2.33
C ILE A 20 6.81 -1.05 1.86
N THR A 21 7.43 -1.41 0.73
CA THR A 21 7.34 -2.72 0.05
C THR A 21 5.92 -3.13 -0.41
N LYS A 22 5.75 -3.36 -1.72
CA LYS A 22 4.45 -3.74 -2.33
C LYS A 22 3.84 -5.04 -1.80
N ASN A 23 4.64 -5.97 -1.25
CA ASN A 23 4.13 -7.17 -0.58
C ASN A 23 3.35 -6.84 0.71
N CYS A 24 3.74 -5.80 1.45
CA CYS A 24 3.00 -5.31 2.62
C CYS A 24 1.67 -4.66 2.20
N LEU A 25 1.66 -3.92 1.09
CA LEU A 25 0.44 -3.40 0.49
C LEU A 25 -0.50 -4.52 0.01
N LYS A 26 0.03 -5.60 -0.58
CA LYS A 26 -0.77 -6.78 -0.96
C LYS A 26 -1.43 -7.43 0.27
N ARG A 27 -0.72 -7.55 1.40
CA ARG A 27 -1.27 -8.03 2.68
C ARG A 27 -2.36 -7.09 3.22
N HIS A 28 -2.21 -5.77 3.10
CA HIS A 28 -3.28 -4.81 3.40
C HIS A 28 -4.53 -5.06 2.55
N VAL A 29 -4.38 -5.24 1.23
CA VAL A 29 -5.53 -5.50 0.32
C VAL A 29 -6.21 -6.84 0.64
N ILE A 30 -5.44 -7.88 0.98
CA ILE A 30 -5.97 -9.19 1.43
C ILE A 30 -6.76 -9.07 2.75
N GLN A 31 -6.23 -8.32 3.73
CA GLN A 31 -6.75 -8.30 5.10
C GLN A 31 -7.85 -7.25 5.35
N LYS A 32 -7.75 -6.06 4.74
CA LYS A 32 -8.58 -4.87 5.05
C LYS A 32 -9.67 -4.54 4.02
N HIS A 33 -9.66 -5.19 2.85
CA HIS A 33 -10.69 -5.01 1.81
C HIS A 33 -11.36 -6.34 1.43
N SER A 34 -12.69 -6.36 1.41
CA SER A 34 -13.52 -7.54 1.05
C SER A 34 -13.85 -7.65 -0.45
N ASN A 35 -13.60 -6.57 -1.21
CA ASN A 35 -13.75 -6.48 -2.66
C ASN A 35 -12.60 -5.63 -3.24
N ILE A 36 -12.23 -5.85 -4.52
CA ILE A 36 -11.10 -5.19 -5.20
C ILE A 36 -11.48 -4.65 -6.58
N LEU A 37 -10.73 -3.64 -7.05
CA LEU A 37 -10.86 -2.98 -8.35
C LEU A 37 -10.23 -3.82 -9.49
ZN ZN B . -6.80 0.05 1.45
N GLY A 1 3.48 10.04 -3.46
CA GLY A 1 3.14 11.45 -3.18
C GLY A 1 3.12 12.29 -4.45
N SER A 2 2.46 13.45 -4.42
CA SER A 2 2.15 14.29 -5.60
C SER A 2 3.39 14.85 -6.33
N SER A 3 4.54 14.95 -5.64
CA SER A 3 5.82 15.39 -6.22
C SER A 3 6.61 14.27 -6.92
N GLY A 4 6.16 13.01 -6.83
CA GLY A 4 6.86 11.83 -7.33
C GLY A 4 8.11 11.45 -6.52
N SER A 5 8.84 10.43 -7.00
CA SER A 5 10.10 9.92 -6.42
C SER A 5 10.01 9.56 -4.92
N SER A 6 8.87 9.02 -4.49
CA SER A 6 8.50 8.79 -3.08
C SER A 6 9.16 7.53 -2.46
N GLY A 7 10.49 7.43 -2.53
CA GLY A 7 11.28 6.35 -1.94
C GLY A 7 10.86 4.96 -2.46
N HIS A 8 10.39 4.10 -1.56
CA HIS A 8 9.82 2.78 -1.86
C HIS A 8 8.37 2.63 -1.33
N LEU A 9 7.64 3.73 -1.18
CA LEU A 9 6.23 3.73 -0.74
C LEU A 9 5.30 3.23 -1.86
N TYR A 10 4.30 2.45 -1.46
CA TYR A 10 3.16 2.01 -2.28
C TYR A 10 1.85 2.40 -1.57
N TYR A 11 0.84 2.80 -2.35
CA TYR A 11 -0.40 3.43 -1.88
C TYR A 11 -1.65 2.62 -2.29
N CYS A 12 -2.63 2.52 -1.39
CA CYS A 12 -3.86 1.75 -1.57
C CYS A 12 -4.77 2.31 -2.68
N SER A 13 -5.50 1.40 -3.32
CA SER A 13 -6.50 1.69 -4.36
C SER A 13 -7.92 1.91 -3.82
N GLN A 14 -8.18 1.60 -2.55
CA GLN A 14 -9.51 1.63 -1.94
C GLN A 14 -9.62 2.48 -0.66
N CYS A 15 -8.49 2.90 -0.07
CA CYS A 15 -8.42 3.82 1.08
C CYS A 15 -7.15 4.70 1.05
N HIS A 16 -6.90 5.44 2.14
CA HIS A 16 -5.78 6.38 2.28
C HIS A 16 -4.46 5.72 2.73
N TYR A 17 -4.45 4.41 3.00
CA TYR A 17 -3.29 3.66 3.50
C TYR A 17 -2.09 3.66 2.53
N SER A 18 -0.87 3.63 3.09
CA SER A 18 0.38 3.41 2.37
C SER A 18 1.42 2.67 3.24
N SER A 19 2.33 1.95 2.58
CA SER A 19 3.43 1.22 3.25
C SER A 19 4.68 1.12 2.35
N ILE A 20 5.84 0.87 2.95
CA ILE A 20 7.09 0.57 2.23
C ILE A 20 7.06 -0.86 1.65
N THR A 21 7.44 -1.00 0.38
CA THR A 21 7.42 -2.24 -0.41
C THR A 21 6.00 -2.81 -0.68
N LYS A 22 5.74 -3.21 -1.92
CA LYS A 22 4.40 -3.60 -2.41
C LYS A 22 3.79 -4.84 -1.72
N ASN A 23 4.60 -5.72 -1.16
CA ASN A 23 4.11 -6.88 -0.37
C ASN A 23 3.41 -6.45 0.93
N CYS A 24 3.87 -5.36 1.56
CA CYS A 24 3.25 -4.78 2.76
C CYS A 24 1.89 -4.10 2.44
N LEU A 25 1.72 -3.60 1.21
CA LEU A 25 0.43 -3.16 0.70
C LEU A 25 -0.48 -4.35 0.32
N LYS A 26 0.07 -5.38 -0.33
CA LYS A 26 -0.69 -6.57 -0.76
C LYS A 26 -1.39 -7.25 0.42
N ARG A 27 -0.70 -7.44 1.55
CA ARG A 27 -1.31 -8.00 2.78
C ARG A 27 -2.39 -7.10 3.39
N HIS A 28 -2.27 -5.78 3.30
CA HIS A 28 -3.34 -4.84 3.67
C HIS A 28 -4.58 -5.02 2.77
N VAL A 29 -4.40 -5.10 1.44
CA VAL A 29 -5.51 -5.31 0.50
C VAL A 29 -6.20 -6.67 0.74
N ILE A 30 -5.44 -7.73 1.01
CA ILE A 30 -5.97 -9.06 1.35
C ILE A 30 -6.80 -9.05 2.65
N GLN A 31 -6.33 -8.37 3.70
CA GLN A 31 -6.96 -8.39 5.02
C GLN A 31 -8.10 -7.37 5.20
N LYS A 32 -8.05 -6.22 4.52
CA LYS A 32 -8.98 -5.09 4.74
C LYS A 32 -10.00 -4.86 3.61
N HIS A 33 -9.76 -5.39 2.41
CA HIS A 33 -10.54 -5.10 1.20
C HIS A 33 -10.96 -6.36 0.42
N SER A 34 -11.71 -6.16 -0.67
CA SER A 34 -12.18 -7.18 -1.61
C SER A 34 -11.83 -6.85 -3.06
N ASN A 35 -11.94 -7.83 -3.96
CA ASN A 35 -11.60 -7.73 -5.39
C ASN A 35 -12.79 -8.11 -6.29
N ILE A 36 -12.89 -7.47 -7.46
CA ILE A 36 -13.91 -7.68 -8.50
C ILE A 36 -13.33 -8.17 -9.85
N LEU A 37 -12.00 -8.12 -10.01
CA LEU A 37 -11.27 -8.45 -11.26
C LEU A 37 -10.67 -9.86 -11.26
ZN ZN B . -6.67 0.14 1.75
N GLY A 1 19.58 10.23 -10.21
CA GLY A 1 19.21 9.92 -8.81
C GLY A 1 19.35 8.43 -8.51
N SER A 2 18.67 7.95 -7.46
CA SER A 2 18.70 6.55 -7.02
C SER A 2 18.08 5.57 -8.05
N SER A 3 18.59 4.34 -8.11
CA SER A 3 18.09 3.28 -9.00
C SER A 3 16.91 2.52 -8.38
N GLY A 4 15.93 2.15 -9.21
CA GLY A 4 14.73 1.39 -8.80
C GLY A 4 13.78 2.15 -7.86
N SER A 5 12.86 1.41 -7.23
CA SER A 5 11.83 1.92 -6.31
C SER A 5 12.16 1.69 -4.83
N SER A 6 13.39 1.28 -4.50
CA SER A 6 13.84 0.94 -3.15
C SER A 6 13.62 2.09 -2.15
N GLY A 7 12.90 1.81 -1.05
CA GLY A 7 12.56 2.79 -0.01
C GLY A 7 11.43 3.77 -0.36
N HIS A 8 10.83 3.68 -1.56
CA HIS A 8 9.69 4.50 -1.96
C HIS A 8 8.36 3.93 -1.42
N LEU A 9 7.32 4.76 -1.30
CA LEU A 9 6.01 4.35 -0.80
C LEU A 9 5.08 3.82 -1.90
N TYR A 10 4.26 2.84 -1.52
CA TYR A 10 3.19 2.22 -2.30
C TYR A 10 1.84 2.51 -1.62
N TYR A 11 0.80 2.83 -2.39
CA TYR A 11 -0.48 3.35 -1.87
C TYR A 11 -1.67 2.44 -2.23
N CYS A 12 -2.64 2.34 -1.31
CA CYS A 12 -3.87 1.56 -1.47
C CYS A 12 -4.76 2.10 -2.61
N SER A 13 -5.53 1.20 -3.21
CA SER A 13 -6.50 1.47 -4.28
C SER A 13 -7.90 1.86 -3.77
N GLN A 14 -8.19 1.65 -2.47
CA GLN A 14 -9.52 1.88 -1.88
C GLN A 14 -9.55 2.78 -0.63
N CYS A 15 -8.39 3.06 -0.01
CA CYS A 15 -8.27 3.95 1.16
C CYS A 15 -6.96 4.76 1.16
N HIS A 16 -6.72 5.51 2.24
CA HIS A 16 -5.58 6.42 2.41
C HIS A 16 -4.28 5.70 2.87
N TYR A 17 -4.32 4.38 3.10
CA TYR A 17 -3.17 3.59 3.56
C TYR A 17 -1.99 3.58 2.58
N SER A 18 -0.77 3.53 3.13
CA SER A 18 0.48 3.33 2.38
C SER A 18 1.50 2.49 3.15
N SER A 19 2.42 1.86 2.42
CA SER A 19 3.53 1.06 2.96
C SER A 19 4.81 1.22 2.13
N ILE A 20 5.97 0.86 2.70
CA ILE A 20 7.28 0.98 2.05
C ILE A 20 7.61 -0.18 1.09
N THR A 21 6.71 -1.17 0.97
CA THR A 21 6.78 -2.23 -0.06
C THR A 21 5.39 -2.59 -0.60
N LYS A 22 5.33 -3.06 -1.86
CA LYS A 22 4.13 -3.68 -2.44
C LYS A 22 3.77 -5.02 -1.76
N ASN A 23 4.76 -5.69 -1.17
CA ASN A 23 4.58 -6.95 -0.44
C ASN A 23 3.76 -6.77 0.85
N CYS A 24 4.05 -5.72 1.63
CA CYS A 24 3.24 -5.33 2.79
C CYS A 24 1.88 -4.75 2.38
N LEU A 25 1.81 -3.95 1.30
CA LEU A 25 0.55 -3.44 0.76
C LEU A 25 -0.40 -4.56 0.32
N LYS A 26 0.11 -5.65 -0.26
CA LYS A 26 -0.69 -6.83 -0.63
C LYS A 26 -1.40 -7.44 0.58
N ARG A 27 -0.72 -7.55 1.73
CA ARG A 27 -1.33 -8.03 2.99
C ARG A 27 -2.39 -7.07 3.54
N HIS A 28 -2.25 -5.76 3.37
CA HIS A 28 -3.32 -4.80 3.68
C HIS A 28 -4.56 -5.05 2.78
N VAL A 29 -4.37 -5.22 1.47
CA VAL A 29 -5.46 -5.45 0.52
C VAL A 29 -6.18 -6.79 0.79
N ILE A 30 -5.44 -7.85 1.14
CA ILE A 30 -6.00 -9.15 1.53
C ILE A 30 -6.88 -9.04 2.80
N GLN A 31 -6.42 -8.30 3.82
CA GLN A 31 -7.12 -8.19 5.11
C GLN A 31 -8.30 -7.20 5.08
N LYS A 32 -8.20 -6.09 4.34
CA LYS A 32 -9.14 -4.95 4.41
C LYS A 32 -10.09 -4.81 3.21
N HIS A 33 -9.73 -5.31 2.02
CA HIS A 33 -10.46 -5.01 0.77
C HIS A 33 -10.84 -6.23 -0.08
N SER A 34 -10.21 -7.39 0.12
CA SER A 34 -10.52 -8.64 -0.60
C SER A 34 -11.73 -9.37 -0.01
N ASN A 35 -12.48 -10.09 -0.85
CA ASN A 35 -13.68 -10.86 -0.47
C ASN A 35 -13.86 -12.12 -1.34
N ILE A 36 -14.65 -13.07 -0.83
CA ILE A 36 -15.14 -14.25 -1.57
C ILE A 36 -16.32 -13.90 -2.50
N LEU A 37 -16.62 -14.78 -3.47
CA LEU A 37 -17.72 -14.66 -4.43
C LEU A 37 -18.69 -15.85 -4.34
ZN ZN B . -6.77 0.14 1.83
#